data_2PY5
#
_entry.id   2PY5
#
_cell.length_a   54.195
_cell.length_b   200.178
_cell.length_c   66.989
_cell.angle_alpha   90.00
_cell.angle_beta   109.40
_cell.angle_gamma   90.00
#
_symmetry.space_group_name_H-M   'P 1 21 1'
#
loop_
_entity.id
_entity.type
_entity.pdbx_description
1 polymer "5'-d(GGACTTT)-3'"
2 polymer 'DNA polymerase'
3 non-polymer 1,2-ETHANEDIOL
4 water water
#
loop_
_entity_poly.entity_id
_entity_poly.type
_entity_poly.pdbx_seq_one_letter_code
_entity_poly.pdbx_strand_id
1 'polydeoxyribonucleotide' (DG)(DG)(DA)(DC)(DT)(DT)(DT) J,Y,D,E,L
2 'polypeptide(L)'
;MKHMPRKMYSCAFETTTKVEDCRVWAYGYMNIEDHSEYKIGNSLDEFMAWVLKVQADLYFHNLKFAGAFIINWLERNGFK
WSADGLPNTYNTIISRMGQWYMIDICLGYKGKRKIHTVIYDSLKKLPFPVKKIAKDFKLTVLKGDIDYHKERPVGYKITP
EEYAYIKNDIQIIAEALLIQFKQGLDRMTAGSDSLKGFKDIITTKKFKKVFPTLSLGLDKEVRYAYRGGFTWLNDRFKEK
EIGEGMVFDVNSLYPAQMYSRLLPYGEPIVFEGKYVWDEDYPLHIQHIRCEFELKEGYIPTIQIKRSRFYKGNEYLKSSG
GEIADLWLSNVDLELMKEHYDLYNVEYISGLKFKATTGLFKDFIDKWTYIKTTSEGAIKQLAKLMLNSLYGKFASNPDVT
GKVPYLKENGALGFRLGEEETKDPVYTPMGVFITAWARYTTITAAQACYDRIIYCDTDSIHLTGTEIPDVIKDIVDPKKL
GYWAHESTFKRAKYLRQKTYIQDIYMKEVDGKLVEGSPDDYTDIKFSVKCAGMTDKIKKEVTFENFKVGFSRKMKPKPVQ
VPGGVVLVDDTFTIK
;
A,B
#
# COMPACT_ATOMS: atom_id res chain seq x y z
N PRO F 5 -39.24 13.01 14.52
CA PRO F 5 -38.20 12.33 13.77
C PRO F 5 -38.51 10.85 13.51
N ARG F 6 -37.47 10.04 13.29
CA ARG F 6 -37.64 8.66 12.86
C ARG F 6 -37.84 7.71 14.03
N LYS F 7 -38.80 6.80 13.88
CA LYS F 7 -39.01 5.72 14.83
C LYS F 7 -37.88 4.71 14.74
N MET F 8 -37.71 3.93 15.81
CA MET F 8 -36.67 2.90 15.91
C MET F 8 -37.28 1.60 16.36
N TYR F 9 -36.88 0.52 15.70
CA TYR F 9 -37.40 -0.81 16.02
C TYR F 9 -36.30 -1.80 16.24
N SER F 10 -36.53 -2.67 17.21
CA SER F 10 -35.75 -3.88 17.43
C SER F 10 -36.40 -5.06 16.71
N CYS F 11 -35.61 -5.75 15.89
CA CYS F 11 -36.12 -6.82 15.00
C CYS F 11 -35.36 -8.12 15.14
N ALA F 12 -36.00 -9.23 14.76
CA ALA F 12 -35.33 -10.53 14.72
C ALA F 12 -36.01 -11.43 13.71
N PHE F 13 -35.23 -12.38 13.18
CA PHE F 13 -35.77 -13.48 12.38
C PHE F 13 -35.45 -14.82 13.04
N GLU F 14 -36.36 -15.78 12.86
CA GLU F 14 -36.02 -17.20 13.05
C GLU F 14 -36.00 -17.81 11.66
N THR F 15 -35.05 -18.70 11.42
CA THR F 15 -34.78 -19.17 10.08
C THR F 15 -34.64 -20.70 10.02
N THR F 16 -34.93 -21.28 8.86
CA THR F 16 -34.73 -22.69 8.68
C THR F 16 -33.26 -23.00 8.47
N THR F 17 -32.88 -24.26 8.67
CA THR F 17 -31.47 -24.61 8.83
C THR F 17 -31.02 -25.66 7.83
N LYS F 18 -31.71 -25.73 6.70
CA LYS F 18 -31.39 -26.66 5.62
C LYS F 18 -30.73 -25.90 4.48
N VAL F 19 -29.54 -26.32 4.06
CA VAL F 19 -28.84 -25.65 2.95
C VAL F 19 -29.69 -25.61 1.65
N GLU F 20 -30.56 -26.60 1.47
CA GLU F 20 -31.42 -26.68 0.28
C GLU F 20 -32.75 -25.95 0.47
N ASP F 21 -32.99 -25.42 1.66
CA ASP F 21 -34.27 -24.78 1.95
C ASP F 21 -34.13 -23.80 3.11
N CYS F 22 -33.49 -22.68 2.80
CA CYS F 22 -33.13 -21.69 3.77
C CYS F 22 -34.02 -20.46 3.62
N ARG F 23 -34.80 -20.19 4.67
CA ARG F 23 -35.75 -19.10 4.64
C ARG F 23 -36.16 -18.67 6.04
N VAL F 24 -36.68 -17.47 6.14
CA VAL F 24 -37.28 -16.96 7.38
C VAL F 24 -38.60 -17.68 7.64
N TRP F 25 -38.76 -18.24 8.85
CA TRP F 25 -40.06 -18.79 9.26
C TRP F 25 -40.77 -17.94 10.30
N ALA F 26 -40.04 -16.99 10.90
CA ALA F 26 -40.66 -16.00 11.80
C ALA F 26 -39.89 -14.70 11.77
N TYR F 27 -40.63 -13.59 11.91
CA TYR F 27 -40.04 -12.28 12.16
C TYR F 27 -40.70 -11.66 13.38
N GLY F 28 -40.00 -10.72 14.00
CA GLY F 28 -40.58 -9.88 15.03
C GLY F 28 -40.01 -8.50 14.88
N TYR F 29 -40.84 -7.49 15.13
CA TYR F 29 -40.38 -6.11 15.34
C TYR F 29 -41.04 -5.51 16.55
N MET F 30 -40.32 -4.60 17.22
CA MET F 30 -40.81 -3.95 18.43
C MET F 30 -40.25 -2.52 18.48
N ASN F 31 -41.15 -1.54 18.66
CA ASN F 31 -40.79 -0.12 18.76
C ASN F 31 -39.97 0.07 20.04
N ILE F 32 -38.72 0.51 19.87
CA ILE F 32 -37.76 0.67 20.96
C ILE F 32 -38.22 1.68 22.00
N GLU F 33 -38.98 2.67 21.55
CA GLU F 33 -39.53 3.71 22.42
C GLU F 33 -40.84 3.31 23.08
N ASP F 34 -41.61 2.45 22.42
CA ASP F 34 -42.90 1.99 22.92
C ASP F 34 -43.00 0.49 22.75
N HIS F 35 -42.54 -0.24 23.77
CA HIS F 35 -42.43 -1.69 23.67
C HIS F 35 -43.79 -2.37 23.55
N SER F 36 -44.88 -1.60 23.61
CA SER F 36 -46.23 -2.12 23.38
C SER F 36 -46.58 -2.25 21.90
N GLU F 37 -45.86 -1.54 21.02
CA GLU F 37 -46.08 -1.64 19.58
C GLU F 37 -45.12 -2.69 19.00
N TYR F 38 -45.68 -3.83 18.64
CA TYR F 38 -44.87 -4.93 18.16
C TYR F 38 -45.70 -5.87 17.30
N LYS F 39 -45.01 -6.65 16.48
CA LYS F 39 -45.68 -7.65 15.67
C LYS F 39 -44.74 -8.82 15.40
N ILE F 40 -45.30 -10.02 15.49
CA ILE F 40 -44.61 -11.24 15.11
C ILE F 40 -45.43 -11.96 14.05
N GLY F 41 -44.77 -12.41 12.98
CA GLY F 41 -45.43 -13.07 11.87
C GLY F 41 -44.53 -14.13 11.25
N ASN F 42 -45.06 -14.81 10.22
CA ASN F 42 -44.35 -15.95 9.64
C ASN F 42 -44.03 -15.78 8.16
N SER F 43 -43.97 -14.53 7.71
CA SER F 43 -43.72 -14.22 6.29
C SER F 43 -42.71 -13.10 6.11
N LEU F 44 -41.57 -13.39 5.47
CA LEU F 44 -40.61 -12.34 5.14
C LEU F 44 -41.22 -11.32 4.20
N ASP F 45 -42.04 -11.76 3.26
CA ASP F 45 -42.72 -10.82 2.36
C ASP F 45 -43.51 -9.80 3.15
N GLU F 46 -44.24 -10.26 4.16
CA GLU F 46 -45.02 -9.39 5.00
C GLU F 46 -44.11 -8.41 5.75
N PHE F 47 -43.03 -8.93 6.32
CA PHE F 47 -42.07 -8.12 7.07
C PHE F 47 -41.49 -7.02 6.16
N MET F 48 -41.04 -7.43 4.99
CA MET F 48 -40.36 -6.50 4.09
C MET F 48 -41.32 -5.42 3.54
N ALA F 49 -42.58 -5.76 3.31
CA ALA F 49 -43.57 -4.76 2.94
C ALA F 49 -43.63 -3.66 4.01
N TRP F 50 -43.60 -4.07 5.28
CA TRP F 50 -43.58 -3.15 6.40
C TRP F 50 -42.28 -2.33 6.40
N VAL F 51 -41.15 -3.00 6.22
CA VAL F 51 -39.85 -2.31 6.13
C VAL F 51 -39.91 -1.18 5.09
N LEU F 52 -40.52 -1.45 3.94
CA LEU F 52 -40.48 -0.48 2.85
C LEU F 52 -41.32 0.74 3.15
N LYS F 53 -42.33 0.58 3.99
CA LYS F 53 -43.26 1.66 4.30
C LYS F 53 -42.95 2.40 5.59
N VAL F 54 -42.22 1.76 6.52
CA VAL F 54 -42.12 2.28 7.90
C VAL F 54 -41.22 3.49 8.05
N GLN F 55 -40.32 3.73 7.09
CA GLN F 55 -39.45 4.92 7.13
C GLN F 55 -38.82 5.07 8.51
N ALA F 56 -38.17 4.00 8.98
CA ALA F 56 -37.63 3.96 10.32
C ALA F 56 -36.18 3.49 10.35
N ASP F 57 -35.62 3.48 11.55
CA ASP F 57 -34.34 2.88 11.82
C ASP F 57 -34.58 1.53 12.50
N LEU F 58 -34.08 0.45 11.89
CA LEU F 58 -34.28 -0.91 12.40
C LEU F 58 -32.96 -1.44 12.89
N TYR F 59 -33.04 -2.29 13.89
CA TYR F 59 -31.87 -2.93 14.47
C TYR F 59 -32.07 -4.42 14.53
N PHE F 60 -31.10 -5.18 14.01
CA PHE F 60 -31.03 -6.63 14.21
C PHE F 60 -29.77 -6.89 15.00
N HIS F 61 -29.84 -7.90 15.86
CA HIS F 61 -28.63 -8.32 16.61
C HIS F 61 -27.82 -9.29 15.77
N ASN F 62 -26.60 -8.89 15.45
CA ASN F 62 -25.74 -9.60 14.51
C ASN F 62 -26.31 -9.56 13.09
N LEU F 63 -26.38 -8.34 12.56
CA LEU F 63 -26.86 -8.07 11.23
C LEU F 63 -26.23 -8.92 10.13
N LYS F 64 -24.99 -9.36 10.34
CA LYS F 64 -24.29 -10.26 9.41
C LYS F 64 -25.12 -11.51 9.11
N PHE F 65 -25.97 -11.90 10.06
CA PHE F 65 -26.85 -13.05 9.89
C PHE F 65 -28.18 -12.64 9.25
N ALA F 66 -29.01 -11.90 9.96
CA ALA F 66 -30.33 -11.49 9.41
C ALA F 66 -30.20 -10.76 8.09
N GLY F 67 -29.17 -9.91 7.98
CA GLY F 67 -28.89 -9.14 6.78
C GLY F 67 -28.81 -9.96 5.51
N ALA F 68 -28.27 -11.17 5.61
CA ALA F 68 -28.21 -12.07 4.44
C ALA F 68 -29.59 -12.36 3.89
N PHE F 69 -30.54 -12.56 4.79
CA PHE F 69 -31.91 -12.84 4.40
C PHE F 69 -32.57 -11.63 3.76
N ILE F 70 -32.30 -10.44 4.31
CA ILE F 70 -32.84 -9.20 3.79
C ILE F 70 -32.32 -8.91 2.40
N ILE F 71 -31.01 -9.05 2.20
CA ILE F 71 -30.41 -8.78 0.88
C ILE F 71 -30.88 -9.81 -0.17
N ASN F 72 -30.94 -11.08 0.23
CA ASN F 72 -31.53 -12.09 -0.66
C ASN F 72 -32.93 -11.68 -1.12
N TRP F 73 -33.73 -11.12 -0.21
CA TRP F 73 -35.08 -10.68 -0.58
C TRP F 73 -35.02 -9.48 -1.53
N LEU F 74 -34.21 -8.48 -1.17
CA LEU F 74 -34.12 -7.27 -1.95
C LEU F 74 -33.80 -7.59 -3.39
N GLU F 75 -32.79 -8.45 -3.59
CA GLU F 75 -32.31 -8.83 -4.92
C GLU F 75 -33.36 -9.56 -5.76
N ARG F 76 -34.33 -10.20 -5.11
CA ARG F 76 -35.39 -10.91 -5.83
C ARG F 76 -36.68 -10.11 -5.97
N ASN F 77 -36.70 -8.92 -5.40
CA ASN F 77 -37.92 -8.13 -5.30
C ASN F 77 -37.72 -6.72 -5.81
N GLY F 78 -36.80 -6.59 -6.77
CA GLY F 78 -36.69 -5.38 -7.58
C GLY F 78 -35.71 -4.32 -7.10
N PHE F 79 -34.88 -4.67 -6.11
CA PHE F 79 -33.88 -3.74 -5.58
C PHE F 79 -32.48 -4.18 -5.98
N LYS F 80 -31.69 -3.25 -6.49
CA LYS F 80 -30.28 -3.51 -6.75
C LYS F 80 -29.41 -2.64 -5.84
N TRP F 81 -28.15 -3.02 -5.72
CA TRP F 81 -27.19 -2.25 -4.94
C TRP F 81 -26.84 -0.93 -5.64
N SER F 82 -26.79 0.14 -4.86
CA SER F 82 -26.27 1.41 -5.34
C SER F 82 -25.68 2.20 -4.19
N ALA F 83 -24.49 2.79 -4.41
CA ALA F 83 -23.85 3.65 -3.43
C ALA F 83 -24.50 5.04 -3.37
N ASP F 84 -25.38 5.33 -4.32
CA ASP F 84 -25.79 6.72 -4.61
C ASP F 84 -27.25 7.03 -4.23
N GLY F 85 -27.90 6.12 -3.53
CA GLY F 85 -29.23 6.36 -3.02
C GLY F 85 -30.28 6.60 -4.09
N LEU F 86 -30.20 5.82 -5.17
CA LEU F 86 -31.20 5.90 -6.22
C LEU F 86 -32.50 5.22 -5.79
N PRO F 87 -33.63 5.64 -6.38
CA PRO F 87 -34.89 4.99 -6.04
C PRO F 87 -34.86 3.50 -6.33
N ASN F 88 -35.46 2.71 -5.43
CA ASN F 88 -35.52 1.25 -5.56
C ASN F 88 -34.16 0.60 -5.60
N THR F 89 -33.29 1.09 -4.74
CA THR F 89 -31.97 0.49 -4.54
C THR F 89 -31.65 0.45 -3.05
N TYR F 90 -30.59 -0.26 -2.69
CA TYR F 90 -30.11 -0.33 -1.32
C TYR F 90 -28.60 -0.09 -1.32
N ASN F 91 -28.13 0.55 -0.27
CA ASN F 91 -26.70 0.77 -0.02
C ASN F 91 -26.32 -0.07 1.20
N THR F 92 -25.03 -0.36 1.34
CA THR F 92 -24.55 -1.10 2.50
C THR F 92 -23.26 -0.49 3.03
N ILE F 93 -22.99 -0.75 4.31
CA ILE F 93 -21.65 -0.61 4.89
C ILE F 93 -21.27 -1.98 5.40
N ILE F 94 -20.48 -2.70 4.59
CA ILE F 94 -19.89 -4.00 4.91
C ILE F 94 -18.39 -3.84 4.69
N SER F 95 -17.60 -4.04 5.76
CA SER F 95 -16.16 -3.79 5.69
C SER F 95 -15.44 -4.84 4.88
N ARG F 96 -14.21 -4.52 4.50
CA ARG F 96 -13.32 -5.47 3.83
C ARG F 96 -13.29 -6.80 4.55
N MET F 97 -13.26 -6.73 5.87
CA MET F 97 -13.11 -7.92 6.72
C MET F 97 -14.44 -8.59 7.05
N GLY F 98 -15.55 -8.09 6.49
CA GLY F 98 -16.82 -8.76 6.60
C GLY F 98 -17.66 -8.35 7.80
N GLN F 99 -17.37 -7.18 8.38
CA GLN F 99 -18.23 -6.64 9.43
C GLN F 99 -19.37 -5.84 8.80
N TRP F 100 -20.61 -6.14 9.23
CA TRP F 100 -21.83 -5.51 8.71
C TRP F 100 -22.28 -4.40 9.63
N TYR F 101 -22.46 -3.21 9.07
CA TYR F 101 -22.87 -2.01 9.85
C TYR F 101 -24.22 -1.45 9.43
N MET F 102 -24.60 -1.58 8.16
CA MET F 102 -25.78 -0.87 7.65
C MET F 102 -26.27 -1.48 6.36
N ILE F 103 -27.59 -1.54 6.24
CA ILE F 103 -28.30 -1.69 4.96
C ILE F 103 -29.30 -0.53 4.89
N ASP F 104 -29.20 0.31 3.86
CA ASP F 104 -30.07 1.49 3.72
C ASP F 104 -30.88 1.30 2.45
N ILE F 105 -32.20 1.11 2.62
CA ILE F 105 -33.07 0.79 1.51
C ILE F 105 -33.79 2.04 1.08
N CYS F 106 -33.56 2.47 -0.16
CA CYS F 106 -34.07 3.73 -0.68
C CYS F 106 -35.29 3.49 -1.56
N LEU F 107 -36.42 4.09 -1.21
CA LEU F 107 -37.61 4.01 -2.06
C LEU F 107 -37.66 5.14 -3.09
N GLY F 108 -37.08 6.29 -2.75
CA GLY F 108 -37.06 7.44 -3.62
C GLY F 108 -37.53 8.62 -2.80
N TYR F 109 -38.25 9.52 -3.45
CA TYR F 109 -38.78 10.73 -2.82
C TYR F 109 -40.29 10.84 -3.03
N LYS F 110 -40.98 11.31 -2.00
CA LYS F 110 -42.40 11.69 -2.11
C LYS F 110 -42.54 13.10 -1.57
N GLY F 111 -42.91 14.02 -2.44
CA GLY F 111 -42.95 15.44 -2.10
C GLY F 111 -41.58 15.86 -1.63
N LYS F 112 -41.51 16.49 -0.46
CA LYS F 112 -40.24 16.95 0.10
C LYS F 112 -39.41 15.85 0.77
N ARG F 113 -39.99 14.65 0.94
CA ARG F 113 -39.44 13.65 1.86
C ARG F 113 -38.58 12.61 1.12
N LYS F 114 -37.39 12.36 1.67
CA LYS F 114 -36.56 11.22 1.27
C LYS F 114 -37.10 9.97 1.96
N ILE F 115 -37.54 8.97 1.18
CA ILE F 115 -38.20 7.80 1.72
C ILE F 115 -37.20 6.65 1.80
N HIS F 116 -36.85 6.24 3.01
CA HIS F 116 -35.95 5.12 3.19
C HIS F 116 -36.07 4.50 4.56
N THR F 117 -35.60 3.25 4.67
CA THR F 117 -35.51 2.56 5.93
C THR F 117 -34.08 2.10 6.07
N VAL F 118 -33.47 2.42 7.21
CA VAL F 118 -32.07 2.06 7.50
C VAL F 118 -32.06 0.94 8.51
N ILE F 119 -31.22 -0.06 8.26
CA ILE F 119 -31.10 -1.20 9.13
C ILE F 119 -29.68 -1.27 9.66
N TYR F 120 -29.57 -1.28 10.97
CA TYR F 120 -28.31 -1.28 11.69
C TYR F 120 -28.07 -2.59 12.47
N ASP F 121 -26.85 -2.77 12.94
CA ASP F 121 -26.46 -3.90 13.78
C ASP F 121 -26.43 -3.48 15.25
N SER F 122 -27.37 -3.98 16.06
CA SER F 122 -27.31 -3.72 17.51
C SER F 122 -26.07 -4.37 18.16
N LEU F 123 -25.45 -5.36 17.51
CA LEU F 123 -24.20 -5.94 18.05
C LEU F 123 -23.06 -4.91 18.06
N LYS F 124 -23.13 -3.92 17.17
CA LYS F 124 -22.09 -2.88 17.13
C LYS F 124 -22.27 -1.89 18.31
N LYS F 125 -23.52 -1.77 18.75
CA LYS F 125 -23.88 -0.93 19.91
C LYS F 125 -23.65 -1.64 21.25
N LEU F 126 -24.00 -2.93 21.28
CA LEU F 126 -24.03 -3.77 22.46
C LEU F 126 -23.28 -5.05 22.11
N PRO F 127 -21.94 -5.03 22.21
CA PRO F 127 -21.12 -6.14 21.69
C PRO F 127 -21.08 -7.40 22.57
N PHE F 128 -22.25 -8.01 22.78
CA PHE F 128 -22.41 -9.21 23.60
C PHE F 128 -23.57 -9.98 23.04
N PRO F 129 -23.63 -11.29 23.29
CA PRO F 129 -24.86 -12.01 22.90
C PRO F 129 -26.09 -11.46 23.63
N VAL F 130 -27.26 -11.65 23.04
CA VAL F 130 -28.53 -11.21 23.65
C VAL F 130 -28.71 -11.72 25.09
N LYS F 131 -28.44 -12.99 25.31
CA LYS F 131 -28.57 -13.58 26.63
C LYS F 131 -27.67 -12.89 27.66
N LYS F 132 -26.46 -12.51 27.27
CA LYS F 132 -25.53 -11.82 28.17
C LYS F 132 -25.99 -10.40 28.44
N ILE F 133 -26.48 -9.72 27.40
CA ILE F 133 -27.08 -8.39 27.58
C ILE F 133 -28.21 -8.44 28.59
N ALA F 134 -29.10 -9.41 28.48
CA ALA F 134 -30.22 -9.49 29.42
C ALA F 134 -29.71 -9.68 30.86
N LYS F 135 -28.71 -10.55 31.03
CA LYS F 135 -28.14 -10.81 32.34
C LYS F 135 -27.51 -9.55 32.95
N ASP F 136 -26.60 -8.96 32.20
CA ASP F 136 -25.79 -7.83 32.69
C ASP F 136 -26.59 -6.54 32.83
N PHE F 137 -27.60 -6.37 31.96
CA PHE F 137 -28.45 -5.17 31.97
C PHE F 137 -29.67 -5.35 32.88
N LYS F 138 -29.77 -6.52 33.52
CA LYS F 138 -30.86 -6.84 34.47
C LYS F 138 -32.23 -6.76 33.81
N LEU F 139 -32.35 -7.40 32.65
CA LEU F 139 -33.56 -7.42 31.83
C LEU F 139 -34.16 -8.83 31.86
N THR F 140 -35.48 -8.94 31.69
CA THR F 140 -36.16 -10.23 31.73
C THR F 140 -35.75 -11.08 30.54
N VAL F 141 -35.40 -12.34 30.80
CA VAL F 141 -35.03 -13.28 29.75
C VAL F 141 -35.64 -14.65 30.02
N LEU F 142 -36.18 -15.27 28.98
CA LEU F 142 -36.77 -16.60 29.10
C LEU F 142 -35.68 -17.67 29.02
N LYS F 143 -35.83 -18.72 29.82
CA LYS F 143 -34.86 -19.82 29.86
C LYS F 143 -34.97 -20.68 28.62
N GLY F 144 -33.81 -21.07 28.09
CA GLY F 144 -33.74 -21.99 26.96
C GLY F 144 -33.67 -21.31 25.60
N ASP F 145 -33.66 -22.14 24.56
CA ASP F 145 -33.60 -21.67 23.19
C ASP F 145 -34.77 -22.21 22.39
N ILE F 146 -34.98 -21.63 21.21
CA ILE F 146 -35.87 -22.21 20.23
C ILE F 146 -35.24 -23.51 19.72
N ASP F 147 -36.07 -24.51 19.43
CA ASP F 147 -35.63 -25.70 18.71
C ASP F 147 -35.32 -25.27 17.29
N TYR F 148 -34.04 -25.05 16.98
CA TYR F 148 -33.65 -24.45 15.69
C TYR F 148 -33.98 -25.34 14.50
N HIS F 149 -33.81 -26.64 14.67
CA HIS F 149 -33.82 -27.56 13.53
C HIS F 149 -35.15 -28.27 13.32
N LYS F 150 -36.17 -27.89 14.09
CA LYS F 150 -37.50 -28.45 13.91
CA LYS F 150 -37.52 -28.43 13.92
C LYS F 150 -37.99 -28.23 12.47
N GLU F 151 -38.67 -29.25 11.94
CA GLU F 151 -39.25 -29.19 10.61
C GLU F 151 -40.34 -28.11 10.59
N ARG F 152 -40.14 -27.10 9.74
CA ARG F 152 -41.06 -25.97 9.60
C ARG F 152 -41.26 -25.59 8.13
N PRO F 153 -42.32 -26.13 7.50
CA PRO F 153 -42.63 -25.80 6.12
C PRO F 153 -43.05 -24.35 5.93
N VAL F 154 -43.14 -23.94 4.67
CA VAL F 154 -43.63 -22.61 4.38
C VAL F 154 -45.03 -22.45 4.98
N GLY F 155 -45.25 -21.36 5.71
CA GLY F 155 -46.56 -21.08 6.33
C GLY F 155 -46.75 -21.76 7.67
N TYR F 156 -45.70 -22.38 8.17
CA TYR F 156 -45.69 -23.02 9.48
C TYR F 156 -46.25 -22.07 10.55
N LYS F 157 -47.16 -22.60 11.36
CA LYS F 157 -47.82 -21.85 12.42
C LYS F 157 -46.94 -21.72 13.65
N ILE F 158 -46.60 -20.49 14.01
CA ILE F 158 -45.76 -20.21 15.16
C ILE F 158 -46.49 -20.58 16.46
N THR F 159 -45.84 -21.38 17.31
CA THR F 159 -46.44 -21.81 18.58
C THR F 159 -46.40 -20.66 19.60
N PRO F 160 -47.25 -20.73 20.64
CA PRO F 160 -47.17 -19.72 21.71
C PRO F 160 -45.78 -19.62 22.35
N GLU F 161 -45.10 -20.77 22.49
CA GLU F 161 -43.76 -20.85 23.07
C GLU F 161 -42.70 -20.18 22.18
N GLU F 162 -42.76 -20.46 20.88
CA GLU F 162 -41.87 -19.81 19.91
C GLU F 162 -42.11 -18.30 19.87
N TYR F 163 -43.37 -17.91 19.88
CA TYR F 163 -43.80 -16.50 19.86
C TYR F 163 -43.23 -15.76 21.06
N ALA F 164 -43.32 -16.39 22.23
CA ALA F 164 -42.80 -15.80 23.48
C ALA F 164 -41.29 -15.62 23.42
N TYR F 165 -40.57 -16.60 22.86
CA TYR F 165 -39.12 -16.48 22.71
C TYR F 165 -38.74 -15.32 21.80
N ILE F 166 -39.44 -15.19 20.69
CA ILE F 166 -39.16 -14.15 19.71
C ILE F 166 -39.44 -12.77 20.32
N LYS F 167 -40.58 -12.65 20.99
CA LYS F 167 -40.94 -11.41 21.66
C LYS F 167 -39.91 -11.03 22.72
N ASN F 168 -39.43 -12.02 23.46
CA ASN F 168 -38.42 -11.78 24.51
C ASN F 168 -37.11 -11.30 23.88
N ASP F 169 -36.68 -11.97 22.81
CA ASP F 169 -35.45 -11.57 22.11
C ASP F 169 -35.48 -10.13 21.65
N ILE F 170 -36.55 -9.74 20.95
CA ILE F 170 -36.63 -8.36 20.45
C ILE F 170 -36.81 -7.35 21.58
N GLN F 171 -37.46 -7.75 22.67
CA GLN F 171 -37.69 -6.83 23.79
C GLN F 171 -36.42 -6.61 24.59
N ILE F 172 -35.58 -7.64 24.73
CA ILE F 172 -34.28 -7.46 25.42
C ILE F 172 -33.46 -6.37 24.71
N ILE F 173 -33.33 -6.50 23.39
CA ILE F 173 -32.56 -5.53 22.61
C ILE F 173 -33.26 -4.14 22.61
N ALA F 174 -34.59 -4.11 22.52
CA ALA F 174 -35.31 -2.83 22.66
C ALA F 174 -35.03 -2.15 23.99
N GLU F 175 -35.08 -2.90 25.08
CA GLU F 175 -34.86 -2.34 26.41
C GLU F 175 -33.43 -1.83 26.57
N ALA F 176 -32.47 -2.62 26.09
CA ALA F 176 -31.06 -2.27 26.23
C ALA F 176 -30.72 -1.04 25.37
N LEU F 177 -31.20 -1.03 24.13
CA LEU F 177 -30.93 0.11 23.25
C LEU F 177 -31.58 1.39 23.78
N LEU F 178 -32.79 1.29 24.31
CA LEU F 178 -33.43 2.48 24.84
C LEU F 178 -32.62 3.09 26.01
N ILE F 179 -32.16 2.25 26.93
CA ILE F 179 -31.32 2.71 28.02
C ILE F 179 -30.05 3.39 27.48
N GLN F 180 -29.40 2.77 26.50
CA GLN F 180 -28.21 3.34 25.86
C GLN F 180 -28.49 4.72 25.23
N PHE F 181 -29.55 4.80 24.46
CA PHE F 181 -29.93 6.05 23.79
C PHE F 181 -30.28 7.13 24.82
N LYS F 182 -30.96 6.75 25.90
CA LYS F 182 -31.30 7.72 26.95
C LYS F 182 -30.07 8.31 27.67
N GLN F 183 -28.96 7.57 27.66
CA GLN F 183 -27.70 8.04 28.21
C GLN F 183 -27.00 9.00 27.25
N GLY F 184 -27.49 9.11 26.02
CA GLY F 184 -26.88 9.99 25.02
C GLY F 184 -25.96 9.24 24.08
N LEU F 185 -25.94 7.93 24.23
CA LEU F 185 -25.03 7.06 23.48
C LEU F 185 -25.74 6.56 22.23
N ASP F 186 -25.89 7.43 21.25
CA ASP F 186 -26.77 7.11 20.12
C ASP F 186 -26.09 7.10 18.75
N ARG F 187 -24.77 7.01 18.74
CA ARG F 187 -24.05 6.83 17.47
C ARG F 187 -24.09 5.38 17.02
N MET F 188 -23.52 5.09 15.84
CA MET F 188 -23.68 3.79 15.24
C MET F 188 -23.06 2.66 16.04
N THR F 189 -21.97 2.94 16.73
CA THR F 189 -21.21 1.91 17.43
C THR F 189 -20.76 2.37 18.80
N ALA F 190 -20.44 1.40 19.66
CA ALA F 190 -19.84 1.69 20.98
C ALA F 190 -18.58 2.53 20.87
N GLY F 191 -17.70 2.22 19.90
CA GLY F 191 -16.48 2.99 19.75
C GLY F 191 -16.74 4.43 19.34
N SER F 192 -17.72 4.62 18.46
CA SER F 192 -18.09 5.95 18.00
C SER F 192 -18.61 6.75 19.19
N ASP F 193 -19.37 6.09 20.06
CA ASP F 193 -19.89 6.77 21.27
C ASP F 193 -18.73 7.18 22.17
N SER F 194 -17.79 6.28 22.35
CA SER F 194 -16.62 6.55 23.21
CA SER F 194 -16.65 6.54 23.22
C SER F 194 -15.83 7.73 22.69
N LEU F 195 -15.54 7.74 21.41
CA LEU F 195 -14.75 8.83 20.84
C LEU F 195 -15.46 10.17 20.92
N LYS F 196 -16.77 10.17 20.67
CA LYS F 196 -17.55 11.41 20.76
CA LYS F 196 -17.55 11.41 20.76
C LYS F 196 -17.51 11.94 22.18
N GLY F 197 -17.66 11.04 23.15
CA GLY F 197 -17.62 11.41 24.57
C GLY F 197 -16.30 11.99 24.98
N PHE F 198 -15.23 11.40 24.50
CA PHE F 198 -13.89 11.92 24.73
C PHE F 198 -13.73 13.31 24.15
N LYS F 199 -14.14 13.51 22.89
CA LYS F 199 -14.11 14.86 22.30
C LYS F 199 -14.91 15.88 23.08
N ASP F 200 -16.06 15.47 23.60
CA ASP F 200 -16.89 16.38 24.42
C ASP F 200 -16.09 16.89 25.61
N ILE F 201 -15.30 15.99 26.22
CA ILE F 201 -14.62 16.30 27.47
C ILE F 201 -13.35 17.10 27.25
N ILE F 202 -12.55 16.74 26.25
CA ILE F 202 -11.31 17.50 25.99
C ILE F 202 -11.54 18.71 25.09
N THR F 203 -12.70 18.74 24.42
CA THR F 203 -13.13 19.72 23.40
C THR F 203 -12.56 19.42 22.04
N THR F 204 -13.38 19.62 21.00
CA THR F 204 -12.94 19.41 19.63
C THR F 204 -11.76 20.33 19.27
N LYS F 205 -11.78 21.57 19.77
CA LYS F 205 -10.67 22.51 19.55
C LYS F 205 -9.35 21.87 19.98
N LYS F 206 -9.29 21.35 21.20
CA LYS F 206 -8.07 20.72 21.69
C LYS F 206 -7.77 19.45 20.90
N PHE F 207 -8.78 18.64 20.65
CA PHE F 207 -8.59 17.37 19.92
C PHE F 207 -7.87 17.64 18.58
N LYS F 208 -8.34 18.63 17.83
CA LYS F 208 -7.75 18.96 16.53
C LYS F 208 -6.30 19.43 16.64
N LYS F 209 -6.01 20.12 17.72
CA LYS F 209 -4.66 20.67 17.94
C LYS F 209 -3.69 19.56 18.28
N VAL F 210 -4.10 18.66 19.18
CA VAL F 210 -3.19 17.64 19.69
C VAL F 210 -3.20 16.34 18.89
N PHE F 211 -4.28 16.06 18.15
CA PHE F 211 -4.33 14.86 17.29
C PHE F 211 -4.54 15.27 15.83
N PRO F 212 -3.51 15.85 15.21
CA PRO F 212 -3.59 16.29 13.84
C PRO F 212 -3.72 15.10 12.90
N THR F 213 -4.31 15.37 11.74
CA THR F 213 -4.52 14.33 10.75
C THR F 213 -3.21 14.04 10.06
N LEU F 214 -2.74 12.79 10.15
CA LEU F 214 -1.53 12.40 9.48
C LEU F 214 -1.84 12.02 8.02
N SER F 215 -0.84 12.21 7.17
CA SER F 215 -0.96 11.76 5.80
C SER F 215 -1.17 10.26 5.77
N LEU F 216 -1.74 9.76 4.69
CA LEU F 216 -1.93 8.34 4.55
C LEU F 216 -0.60 7.57 4.60
N GLY F 217 0.44 8.14 4.00
CA GLY F 217 1.76 7.46 4.00
C GLY F 217 2.36 7.36 5.40
N LEU F 218 2.22 8.43 6.17
CA LEU F 218 2.74 8.41 7.54
C LEU F 218 1.90 7.48 8.39
N ASP F 219 0.58 7.53 8.22
CA ASP F 219 -0.30 6.65 8.99
C ASP F 219 0.06 5.19 8.75
N LYS F 220 0.34 4.84 7.50
CA LYS F 220 0.69 3.47 7.14
C LYS F 220 1.98 3.02 7.88
N GLU F 221 2.98 3.89 7.95
CA GLU F 221 4.20 3.57 8.71
C GLU F 221 3.93 3.38 10.19
N VAL F 222 3.15 4.29 10.78
CA VAL F 222 2.78 4.15 12.18
C VAL F 222 2.08 2.80 12.41
N ARG F 223 1.18 2.44 11.49
CA ARG F 223 0.35 1.26 11.63
C ARG F 223 1.16 -0.03 11.63
N TYR F 224 2.31 -0.03 10.98
CA TYR F 224 3.19 -1.20 11.04
C TYR F 224 3.56 -1.56 12.48
N ALA F 225 3.56 -0.55 13.37
CA ALA F 225 3.92 -0.74 14.75
C ALA F 225 2.73 -1.07 15.66
N TYR F 226 1.51 -1.17 15.09
CA TYR F 226 0.31 -1.41 15.88
C TYR F 226 0.11 -2.91 16.07
N ARG F 227 0.12 -3.33 17.34
CA ARG F 227 -0.05 -4.73 17.70
C ARG F 227 -1.03 -4.79 18.85
N GLY F 228 -1.53 -6.00 19.12
CA GLY F 228 -2.52 -6.19 20.17
C GLY F 228 -1.93 -6.77 21.44
N GLY F 229 -2.70 -7.57 22.13
CA GLY F 229 -2.31 -8.09 23.41
C GLY F 229 -1.23 -9.17 23.35
N PHE F 230 -0.52 -9.31 24.45
CA PHE F 230 0.51 -10.34 24.62
C PHE F 230 -0.15 -11.62 25.18
N THR F 231 -0.15 -12.67 24.37
CA THR F 231 -0.71 -13.95 24.77
C THR F 231 0.34 -15.02 24.50
N TRP F 232 0.74 -15.75 25.54
CA TRP F 232 1.90 -16.63 25.47
C TRP F 232 1.80 -17.74 26.50
N LEU F 233 2.04 -18.97 26.04
CA LEU F 233 2.16 -20.15 26.90
C LEU F 233 3.61 -20.62 26.94
N ASN F 234 4.13 -20.71 28.16
CA ASN F 234 5.46 -21.22 28.42
C ASN F 234 5.54 -22.66 27.98
N ASP F 235 6.44 -22.95 27.01
CA ASP F 235 6.63 -24.33 26.54
C ASP F 235 6.87 -25.36 27.65
N ARG F 236 7.50 -24.93 28.75
CA ARG F 236 7.72 -25.77 29.93
C ARG F 236 6.44 -26.46 30.41
N PHE F 237 5.30 -25.79 30.23
CA PHE F 237 4.00 -26.26 30.73
C PHE F 237 3.02 -26.74 29.66
N LYS F 238 3.44 -26.70 28.39
CA LYS F 238 2.59 -27.11 27.28
C LYS F 238 2.14 -28.56 27.41
N GLU F 239 0.82 -28.75 27.53
CA GLU F 239 0.18 -30.06 27.58
C GLU F 239 0.50 -30.87 28.85
N LYS F 240 1.03 -30.19 29.87
CA LYS F 240 1.41 -30.82 31.14
C LYS F 240 0.29 -30.67 32.17
N GLU F 241 0.13 -31.69 33.01
CA GLU F 241 -0.74 -31.59 34.18
C GLU F 241 -0.04 -30.68 35.19
N ILE F 242 -0.75 -29.64 35.64
CA ILE F 242 -0.22 -28.68 36.62
C ILE F 242 -0.97 -28.90 37.94
N GLY F 243 -0.25 -28.76 39.06
CA GLY F 243 -0.86 -28.70 40.36
C GLY F 243 -1.34 -27.29 40.68
N GLU F 244 -1.10 -26.85 41.91
CA GLU F 244 -1.66 -25.59 42.37
C GLU F 244 -1.01 -24.39 41.69
N GLY F 245 -1.80 -23.34 41.51
CA GLY F 245 -1.31 -22.12 40.90
C GLY F 245 -2.27 -20.98 41.12
N MET F 246 -1.98 -19.83 40.54
CA MET F 246 -2.77 -18.65 40.81
C MET F 246 -2.76 -17.72 39.61
N VAL F 247 -3.77 -16.86 39.55
CA VAL F 247 -3.95 -15.93 38.44
C VAL F 247 -4.02 -14.52 38.96
N PHE F 248 -3.28 -13.62 38.32
CA PHE F 248 -3.36 -12.19 38.57
C PHE F 248 -3.86 -11.50 37.33
N ASP F 249 -4.71 -10.49 37.50
CA ASP F 249 -5.30 -9.76 36.40
CA ASP F 249 -5.30 -9.73 36.40
C ASP F 249 -5.20 -8.26 36.69
N VAL F 250 -4.66 -7.49 35.73
CA VAL F 250 -4.58 -6.03 35.93
C VAL F 250 -6.00 -5.48 36.04
N ASN F 251 -6.19 -4.54 36.97
CA ASN F 251 -7.44 -3.81 37.08
C ASN F 251 -7.52 -2.78 35.97
N SER F 252 -8.35 -3.07 34.97
CA SER F 252 -8.60 -2.21 33.81
C SER F 252 -7.32 -1.83 33.06
N LEU F 253 -6.69 -2.84 32.47
CA LEU F 253 -5.40 -2.68 31.78
C LEU F 253 -5.31 -1.44 30.87
N TYR F 254 -6.21 -1.32 29.92
CA TYR F 254 -6.06 -0.29 28.89
C TYR F 254 -6.38 1.08 29.44
N PRO F 255 -7.52 1.25 30.14
CA PRO F 255 -7.70 2.53 30.82
C PRO F 255 -6.54 2.92 31.76
N ALA F 256 -5.95 1.94 32.44
CA ALA F 256 -4.81 2.23 33.31
C ALA F 256 -3.64 2.80 32.52
N GLN F 257 -3.35 2.25 31.35
CA GLN F 257 -2.25 2.82 30.53
C GLN F 257 -2.56 4.25 30.09
N MET F 258 -3.80 4.45 29.67
CA MET F 258 -4.27 5.77 29.24
C MET F 258 -4.19 6.80 30.37
N TYR F 259 -4.43 6.36 31.59
CA TYR F 259 -4.49 7.28 32.71
C TYR F 259 -3.11 7.77 33.15
N SER F 260 -2.08 6.93 33.01
CA SER F 260 -0.79 7.26 33.65
CA SER F 260 -0.80 7.16 33.69
C SER F 260 0.46 7.20 32.79
N ARG F 261 0.39 6.60 31.61
CA ARG F 261 1.59 6.48 30.80
C ARG F 261 1.89 7.68 29.91
N LEU F 262 3.16 7.83 29.58
CA LEU F 262 3.58 8.83 28.60
C LEU F 262 3.09 8.42 27.22
N LEU F 263 2.29 9.27 26.59
CA LEU F 263 1.63 8.94 25.33
C LEU F 263 1.83 10.03 24.28
N PRO F 264 1.83 9.64 23.00
CA PRO F 264 2.20 10.57 21.93
C PRO F 264 1.08 11.51 21.52
N TYR F 265 1.46 12.70 21.04
CA TYR F 265 0.53 13.60 20.40
C TYR F 265 1.26 14.46 19.37
N GLY F 266 0.47 15.20 18.60
CA GLY F 266 1.01 16.16 17.64
C GLY F 266 1.57 15.61 16.36
N GLU F 267 2.16 16.49 15.57
CA GLU F 267 2.72 16.13 14.28
C GLU F 267 4.04 15.43 14.53
N PRO F 268 4.22 14.24 13.99
CA PRO F 268 5.52 13.61 14.15
C PRO F 268 6.62 14.25 13.33
N ILE F 269 7.86 13.97 13.70
CA ILE F 269 9.02 14.31 12.88
C ILE F 269 9.65 13.01 12.38
N VAL F 270 9.86 12.94 11.07
CA VAL F 270 10.51 11.79 10.46
C VAL F 270 12.03 11.93 10.59
N PHE F 271 12.70 10.79 10.81
CA PHE F 271 14.17 10.76 10.83
C PHE F 271 14.68 9.55 10.06
N GLU F 272 15.90 9.65 9.53
CA GLU F 272 16.58 8.49 8.92
C GLU F 272 17.52 7.88 9.94
N GLY F 273 17.78 6.58 9.80
CA GLY F 273 18.69 5.91 10.70
C GLY F 273 18.12 5.68 12.07
N LYS F 274 19.00 5.68 13.07
CA LYS F 274 18.65 5.42 14.46
C LYS F 274 18.20 6.70 15.16
N TYR F 275 17.09 6.60 15.89
CA TYR F 275 16.58 7.72 16.71
C TYR F 275 17.68 8.27 17.63
N VAL F 276 17.79 9.59 17.67
CA VAL F 276 18.63 10.33 18.65
C VAL F 276 17.69 10.95 19.69
N TRP F 277 18.00 10.71 20.95
CA TRP F 277 17.21 11.22 22.08
C TRP F 277 16.84 12.68 21.89
N ASP F 278 15.55 12.96 22.04
CA ASP F 278 15.03 14.31 21.98
C ASP F 278 14.05 14.44 23.15
N GLU F 279 14.41 15.20 24.18
CA GLU F 279 13.48 15.34 25.32
C GLU F 279 12.11 15.91 24.90
N ASP F 280 12.07 16.71 23.83
CA ASP F 280 10.82 17.31 23.37
C ASP F 280 9.99 16.38 22.48
N TYR F 281 10.65 15.37 21.90
CA TYR F 281 9.99 14.30 21.12
C TYR F 281 10.49 12.96 21.68
N PRO F 282 10.11 12.64 22.93
CA PRO F 282 10.71 11.55 23.71
C PRO F 282 10.20 10.12 23.39
N LEU F 283 9.17 10.00 22.56
CA LEU F 283 8.65 8.72 22.10
C LEU F 283 8.98 8.56 20.62
N HIS F 284 9.17 7.32 20.18
CA HIS F 284 9.43 7.10 18.78
C HIS F 284 9.01 5.73 18.31
N ILE F 285 8.91 5.60 17.00
CA ILE F 285 8.72 4.32 16.30
C ILE F 285 9.96 4.18 15.42
N GLN F 286 10.64 3.04 15.55
CA GLN F 286 11.90 2.75 14.84
C GLN F 286 11.64 1.62 13.84
N HIS F 287 11.96 1.86 12.57
CA HIS F 287 12.05 0.80 11.58
C HIS F 287 13.44 0.20 11.69
N ILE F 288 13.50 -1.11 11.95
CA ILE F 288 14.74 -1.84 12.21
C ILE F 288 14.67 -3.15 11.46
N ARG F 289 15.80 -3.57 10.88
CA ARG F 289 15.94 -4.90 10.32
C ARG F 289 16.99 -5.59 11.15
N CYS F 290 16.76 -6.85 11.49
CA CYS F 290 17.72 -7.58 12.31
C CYS F 290 17.45 -9.07 12.29
N GLU F 291 18.41 -9.81 12.82
CA GLU F 291 18.20 -11.19 13.23
C GLU F 291 18.29 -11.21 14.74
N PHE F 292 17.70 -12.22 15.34
CA PHE F 292 17.61 -12.26 16.80
C PHE F 292 17.62 -13.66 17.36
N GLU F 293 18.06 -13.76 18.61
CA GLU F 293 18.03 -15.01 19.36
C GLU F 293 17.65 -14.70 20.80
N LEU F 294 16.62 -15.36 21.31
CA LEU F 294 16.14 -15.12 22.66
C LEU F 294 17.22 -15.42 23.68
N LYS F 295 17.39 -14.54 24.66
CA LYS F 295 18.34 -14.78 25.77
C LYS F 295 17.80 -15.84 26.71
N GLU F 296 18.69 -16.67 27.24
CA GLU F 296 18.26 -17.69 28.19
C GLU F 296 17.68 -16.97 29.42
N GLY F 297 16.57 -17.47 29.93
CA GLY F 297 15.93 -16.88 31.09
C GLY F 297 14.92 -15.79 30.81
N TYR F 298 14.66 -15.53 29.52
CA TYR F 298 13.76 -14.46 29.13
C TYR F 298 12.57 -14.98 28.31
N ILE F 299 11.44 -14.33 28.54
CA ILE F 299 10.21 -14.57 27.79
C ILE F 299 10.33 -13.95 26.40
N PRO F 300 9.91 -14.67 25.36
CA PRO F 300 9.92 -14.07 24.03
C PRO F 300 8.84 -13.01 23.84
N THR F 301 9.18 -11.98 23.08
CA THR F 301 8.31 -10.84 22.86
C THR F 301 8.10 -10.49 21.38
N ILE F 302 8.79 -11.18 20.47
CA ILE F 302 8.66 -10.88 19.04
C ILE F 302 7.71 -11.89 18.39
N GLN F 303 6.68 -11.34 17.75
CA GLN F 303 5.73 -12.13 16.98
C GLN F 303 5.72 -11.54 15.59
N ILE F 304 5.97 -12.38 14.59
CA ILE F 304 5.98 -11.94 13.19
C ILE F 304 4.88 -12.65 12.40
N GLY F 312 1.16 -14.69 14.68
CA GLY F 312 2.17 -15.76 14.65
C GLY F 312 1.59 -17.15 14.41
N ASN F 313 0.92 -17.74 15.40
CA ASN F 313 0.56 -17.09 16.67
C ASN F 313 1.69 -17.00 17.70
N GLU F 314 2.71 -17.84 17.55
CA GLU F 314 3.69 -18.01 18.62
C GLU F 314 4.80 -16.95 18.63
N TYR F 315 5.32 -16.69 19.82
CA TYR F 315 6.43 -15.76 20.01
C TYR F 315 7.72 -16.49 19.77
N LEU F 316 8.64 -15.83 19.07
CA LEU F 316 9.76 -16.51 18.45
C LEU F 316 10.99 -16.50 19.35
N LYS F 317 11.65 -17.65 19.38
CA LYS F 317 12.95 -17.79 20.01
C LYS F 317 14.05 -17.29 19.10
N SER F 318 13.84 -17.43 17.78
CA SER F 318 14.86 -17.12 16.78
C SER F 318 14.23 -16.59 15.50
N SER F 319 14.97 -15.72 14.80
CA SER F 319 14.59 -15.28 13.48
C SER F 319 14.85 -16.37 12.43
N GLY F 320 15.64 -17.38 12.76
CA GLY F 320 15.83 -18.52 11.87
C GLY F 320 16.32 -18.14 10.49
N GLY F 321 17.23 -17.17 10.43
CA GLY F 321 17.88 -16.79 9.17
C GLY F 321 17.04 -15.94 8.25
N GLU F 322 15.75 -15.81 8.54
CA GLU F 322 14.89 -14.85 7.86
C GLU F 322 15.11 -13.53 8.58
N ILE F 323 15.42 -12.49 7.82
CA ILE F 323 15.62 -11.18 8.41
C ILE F 323 14.27 -10.63 8.87
N ALA F 324 14.21 -10.16 10.12
CA ALA F 324 13.01 -9.55 10.69
C ALA F 324 12.99 -8.09 10.28
N ASP F 325 11.88 -7.66 9.67
CA ASP F 325 11.72 -6.27 9.29
C ASP F 325 10.59 -5.71 10.15
N LEU F 326 10.94 -4.87 11.10
CA LEU F 326 10.02 -4.46 12.14
C LEU F 326 9.92 -2.95 12.27
N TRP F 327 8.71 -2.48 12.55
CA TRP F 327 8.49 -1.12 13.03
C TRP F 327 8.03 -1.24 14.47
N LEU F 328 8.80 -0.68 15.41
CA LEU F 328 8.58 -0.87 16.84
C LEU F 328 8.49 0.46 17.57
N SER F 329 7.48 0.59 18.42
CA SER F 329 7.49 1.66 19.41
C SER F 329 8.75 1.55 20.27
N ASN F 330 9.18 2.63 20.90
CA ASN F 330 10.36 2.54 21.76
C ASN F 330 10.15 1.57 22.94
N VAL F 331 8.90 1.44 23.38
CA VAL F 331 8.56 0.54 24.47
C VAL F 331 8.84 -0.91 24.01
N ASP F 332 8.33 -1.26 22.84
CA ASP F 332 8.55 -2.61 22.29
C ASP F 332 10.02 -2.86 21.93
N LEU F 333 10.69 -1.83 21.43
CA LEU F 333 12.09 -1.94 21.04
C LEU F 333 12.98 -2.18 22.27
N GLU F 334 12.72 -1.46 23.37
CA GLU F 334 13.53 -1.69 24.55
C GLU F 334 13.28 -3.10 25.16
N LEU F 335 12.03 -3.56 25.10
CA LEU F 335 11.74 -4.94 25.54
C LEU F 335 12.56 -5.93 24.70
N MET F 336 12.57 -5.71 23.39
CA MET F 336 13.24 -6.65 22.48
C MET F 336 14.74 -6.66 22.76
N LYS F 337 15.32 -5.47 22.91
CA LYS F 337 16.76 -5.37 23.14
C LYS F 337 17.16 -6.03 24.45
N GLU F 338 16.28 -6.00 25.46
CA GLU F 338 16.56 -6.66 26.74
C GLU F 338 16.39 -8.20 26.66
N HIS F 339 15.36 -8.63 25.95
CA HIS F 339 15.02 -10.04 25.95
C HIS F 339 15.80 -10.87 24.93
N TYR F 340 16.40 -10.21 23.94
CA TYR F 340 17.07 -10.91 22.82
C TYR F 340 18.47 -10.43 22.58
N ASP F 341 19.31 -11.32 22.07
CA ASP F 341 20.51 -10.92 21.38
C ASP F 341 20.15 -10.57 19.94
N LEU F 342 20.58 -9.40 19.49
CA LEU F 342 20.29 -8.96 18.14
C LEU F 342 21.57 -9.02 17.27
N TYR F 343 21.41 -9.44 16.02
CA TYR F 343 22.51 -9.59 15.07
C TYR F 343 22.19 -8.81 13.82
N ASN F 344 23.22 -8.30 13.15
CA ASN F 344 23.06 -7.67 11.84
C ASN F 344 21.99 -6.59 11.85
N VAL F 345 22.07 -5.71 12.85
CA VAL F 345 21.04 -4.69 13.07
C VAL F 345 21.25 -3.53 12.11
N GLU F 346 20.17 -3.17 11.42
CA GLU F 346 20.17 -2.01 10.54
C GLU F 346 19.05 -1.11 11.00
N TYR F 347 19.39 0.09 11.47
CA TYR F 347 18.39 1.09 11.82
C TYR F 347 18.05 1.89 10.58
N ILE F 348 16.81 1.77 10.11
CA ILE F 348 16.45 2.25 8.78
C ILE F 348 15.98 3.71 8.82
N SER F 349 14.93 3.93 9.58
CA SER F 349 14.28 5.23 9.69
C SER F 349 13.25 5.15 10.82
N GLY F 350 12.58 6.26 11.09
CA GLY F 350 11.47 6.22 12.03
C GLY F 350 10.73 7.54 12.14
N LEU F 351 9.91 7.60 13.17
CA LEU F 351 9.12 8.80 13.49
CA LEU F 351 9.10 8.78 13.50
C LEU F 351 9.21 9.06 14.97
N LYS F 352 9.39 10.33 15.34
CA LYS F 352 9.40 10.71 16.76
C LYS F 352 8.23 11.64 17.09
N PHE F 353 7.79 11.56 18.34
CA PHE F 353 6.57 12.23 18.78
C PHE F 353 6.76 13.01 20.07
N LYS F 354 6.13 14.16 20.13
CA LYS F 354 5.86 14.80 21.40
C LYS F 354 5.02 13.87 22.26
N ALA F 355 5.06 14.10 23.57
CA ALA F 355 4.34 13.22 24.47
C ALA F 355 3.99 13.87 25.78
N THR F 356 2.93 13.34 26.40
CA THR F 356 2.45 13.86 27.66
C THR F 356 1.65 12.77 28.37
N THR F 357 1.50 12.93 29.67
CA THR F 357 0.56 12.14 30.45
C THR F 357 -0.69 12.98 30.59
N GLY F 358 -1.79 12.34 30.99
CA GLY F 358 -2.98 13.07 31.41
C GLY F 358 -4.05 13.42 30.38
N LEU F 359 -3.84 13.06 29.11
CA LEU F 359 -4.82 13.41 28.07
C LEU F 359 -6.18 12.78 28.31
N PHE F 360 -6.22 11.65 29.04
CA PHE F 360 -7.46 10.91 29.28
C PHE F 360 -8.02 11.02 30.69
N LYS F 361 -7.39 11.85 31.53
CA LYS F 361 -7.75 11.92 32.94
C LYS F 361 -9.23 12.23 33.15
N ASP F 362 -9.70 13.31 32.54
CA ASP F 362 -11.08 13.76 32.81
C ASP F 362 -12.11 12.77 32.28
N PHE F 363 -11.85 12.16 31.13
CA PHE F 363 -12.77 11.17 30.55
C PHE F 363 -12.85 9.95 31.42
N ILE F 364 -11.70 9.46 31.83
CA ILE F 364 -11.65 8.26 32.65
C ILE F 364 -12.25 8.52 34.04
N ASP F 365 -11.92 9.68 34.63
CA ASP F 365 -12.53 10.04 35.92
C ASP F 365 -14.06 10.06 35.84
N LYS F 366 -14.59 10.64 34.76
CA LYS F 366 -16.06 10.77 34.59
C LYS F 366 -16.72 9.40 34.54
N TRP F 367 -16.24 8.55 33.65
CA TRP F 367 -16.90 7.28 33.42
C TRP F 367 -16.60 6.26 34.52
N THR F 368 -15.43 6.36 35.15
CA THR F 368 -15.14 5.55 36.32
C THR F 368 -16.08 5.91 37.48
N TYR F 369 -16.34 7.19 37.69
CA TYR F 369 -17.31 7.57 38.73
C TYR F 369 -18.68 6.97 38.47
N ILE F 370 -19.16 7.09 37.23
CA ILE F 370 -20.45 6.53 36.85
C ILE F 370 -20.45 5.00 37.07
N LYS F 371 -19.38 4.34 36.65
CA LYS F 371 -19.26 2.89 36.86
C LYS F 371 -19.38 2.52 38.34
N THR F 372 -18.63 3.24 39.17
CA THR F 372 -18.55 2.96 40.59
C THR F 372 -19.85 3.24 41.33
N THR F 373 -20.63 4.22 40.86
CA THR F 373 -21.85 4.65 41.56
C THR F 373 -23.16 4.10 40.97
N SER F 374 -23.05 3.30 39.91
CA SER F 374 -24.22 2.80 39.21
C SER F 374 -24.27 1.27 39.25
N GLU F 375 -25.40 0.72 38.84
CA GLU F 375 -25.58 -0.73 38.79
C GLU F 375 -26.21 -1.11 37.49
N GLY F 376 -26.22 -2.41 37.22
CA GLY F 376 -26.86 -2.98 36.03
C GLY F 376 -26.51 -2.28 34.73
N ALA F 377 -27.54 -1.90 33.98
CA ALA F 377 -27.39 -1.35 32.66
C ALA F 377 -26.44 -0.17 32.58
N ILE F 378 -26.64 0.84 33.41
CA ILE F 378 -25.81 2.04 33.32
C ILE F 378 -24.34 1.74 33.67
N LYS F 379 -24.13 0.80 34.60
CA LYS F 379 -22.78 0.37 34.92
C LYS F 379 -22.12 -0.25 33.69
N GLN F 380 -22.86 -1.11 32.98
CA GLN F 380 -22.31 -1.76 31.79
C GLN F 380 -21.95 -0.74 30.73
N LEU F 381 -22.77 0.30 30.61
CA LEU F 381 -22.55 1.32 29.62
C LEU F 381 -21.32 2.14 29.95
N ALA F 382 -21.08 2.38 31.24
CA ALA F 382 -19.87 3.10 31.67
C ALA F 382 -18.61 2.28 31.34
N LYS F 383 -18.68 0.98 31.57
CA LYS F 383 -17.60 0.07 31.19
C LYS F 383 -17.37 0.12 29.69
N LEU F 384 -18.48 0.11 28.94
CA LEU F 384 -18.39 0.17 27.50
C LEU F 384 -17.71 1.46 27.03
N MET F 385 -18.05 2.59 27.65
CA MET F 385 -17.42 3.86 27.28
C MET F 385 -15.91 3.84 27.55
N LEU F 386 -15.53 3.31 28.70
CA LEU F 386 -14.11 3.23 29.08
C LEU F 386 -13.34 2.28 28.18
N ASN F 387 -13.98 1.17 27.80
CA ASN F 387 -13.29 0.07 27.11
C ASN F 387 -13.19 0.26 25.59
N SER F 388 -14.08 1.05 25.02
CA SER F 388 -14.23 1.17 23.57
C SER F 388 -13.50 2.39 22.97
N LEU F 389 -12.77 3.13 23.80
CA LEU F 389 -12.07 4.32 23.31
C LEU F 389 -10.74 4.04 22.57
N TYR F 390 -9.81 3.28 23.16
CA TYR F 390 -8.45 3.27 22.60
C TYR F 390 -8.42 2.76 21.17
N GLY F 391 -9.27 1.77 20.89
CA GLY F 391 -9.26 1.14 19.59
C GLY F 391 -9.59 2.08 18.45
N LYS F 392 -10.37 3.13 18.73
CA LYS F 392 -10.77 4.08 17.70
C LYS F 392 -9.58 4.92 17.19
N PHE F 393 -8.56 5.09 18.01
CA PHE F 393 -7.42 5.93 17.60
C PHE F 393 -6.68 5.36 16.37
N ALA F 394 -6.63 4.02 16.26
CA ALA F 394 -5.94 3.36 15.17
C ALA F 394 -6.88 2.87 14.05
N SER F 395 -8.06 3.46 13.94
CA SER F 395 -8.99 3.21 12.85
C SER F 395 -8.27 3.31 11.52
N ASN F 396 -8.49 2.34 10.63
CA ASN F 396 -7.79 2.29 9.38
C ASN F 396 -8.44 3.26 8.41
N PRO F 397 -7.67 4.19 7.85
CA PRO F 397 -8.23 5.17 6.91
C PRO F 397 -8.71 4.54 5.60
N ASP F 398 -8.25 3.33 5.27
CA ASP F 398 -8.77 2.57 4.11
C ASP F 398 -10.12 1.95 4.47
N VAL F 399 -11.20 2.54 3.96
CA VAL F 399 -12.55 2.08 4.25
C VAL F 399 -13.21 1.44 3.05
N THR F 400 -12.38 0.99 2.10
CA THR F 400 -12.86 0.19 0.96
C THR F 400 -13.67 -0.97 1.51
N GLY F 401 -14.88 -1.12 0.99
CA GLY F 401 -15.82 -2.12 1.50
C GLY F 401 -16.09 -3.27 0.55
N LYS F 402 -17.06 -4.09 0.94
CA LYS F 402 -17.47 -5.26 0.17
C LYS F 402 -18.93 -5.06 -0.27
N VAL F 403 -19.18 -5.37 -1.53
CA VAL F 403 -20.46 -5.14 -2.18
C VAL F 403 -21.14 -6.49 -2.40
N PRO F 404 -22.37 -6.64 -1.89
CA PRO F 404 -23.08 -7.90 -2.13
C PRO F 404 -23.61 -8.03 -3.53
N TYR F 405 -23.72 -9.28 -3.99
CA TYR F 405 -24.38 -9.58 -5.27
C TYR F 405 -24.89 -11.01 -5.23
N LEU F 406 -25.84 -11.33 -6.12
CA LEU F 406 -26.35 -12.70 -6.20
C LEU F 406 -25.53 -13.48 -7.20
N LYS F 407 -24.94 -14.57 -6.72
CA LYS F 407 -24.20 -15.50 -7.57
C LYS F 407 -25.16 -16.28 -8.48
N GLU F 408 -24.61 -16.98 -9.47
CA GLU F 408 -25.43 -17.78 -10.40
C GLU F 408 -26.38 -18.75 -9.69
N ASN F 409 -25.89 -19.33 -8.58
CA ASN F 409 -26.67 -20.30 -7.80
C ASN F 409 -27.76 -19.66 -6.91
N GLY F 410 -27.76 -18.32 -6.83
CA GLY F 410 -28.78 -17.61 -6.07
C GLY F 410 -28.35 -17.31 -4.64
N ALA F 411 -27.11 -17.66 -4.28
CA ALA F 411 -26.55 -17.30 -2.96
C ALA F 411 -25.79 -15.98 -3.06
N LEU F 412 -25.66 -15.27 -1.94
CA LEU F 412 -24.90 -14.05 -1.91
C LEU F 412 -23.39 -14.29 -2.05
N GLY F 413 -22.77 -13.47 -2.88
CA GLY F 413 -21.33 -13.35 -2.94
C GLY F 413 -20.98 -11.89 -2.64
N PHE F 414 -19.68 -11.63 -2.48
CA PHE F 414 -19.20 -10.31 -2.12
C PHE F 414 -17.97 -9.96 -2.94
N ARG F 415 -17.96 -8.74 -3.48
CA ARG F 415 -16.82 -8.26 -4.26
C ARG F 415 -16.25 -7.06 -3.54
N LEU F 416 -14.93 -6.88 -3.64
CA LEU F 416 -14.32 -5.69 -3.12
C LEU F 416 -14.80 -4.51 -3.95
N GLY F 417 -15.25 -3.46 -3.27
CA GLY F 417 -15.78 -2.28 -3.90
C GLY F 417 -14.73 -1.27 -4.30
N GLU F 418 -15.21 -0.05 -4.54
CA GLU F 418 -14.36 1.04 -4.99
C GLU F 418 -13.41 1.47 -3.88
N GLU F 419 -12.19 1.83 -4.26
CA GLU F 419 -11.23 2.31 -3.29
C GLU F 419 -11.78 3.53 -2.60
N GLU F 420 -11.71 3.55 -1.28
CA GLU F 420 -12.13 4.73 -0.51
C GLU F 420 -11.24 4.90 0.70
N THR F 421 -10.85 6.15 0.95
CA THR F 421 -10.14 6.49 2.16
C THR F 421 -10.84 7.62 2.88
N LYS F 422 -10.58 7.67 4.18
CA LYS F 422 -11.00 8.78 5.04
C LYS F 422 -9.84 9.20 5.91
N ASP F 423 -10.02 10.27 6.66
CA ASP F 423 -8.97 10.72 7.55
C ASP F 423 -8.68 9.68 8.64
N PRO F 424 -7.39 9.46 8.94
CA PRO F 424 -7.04 8.77 10.17
C PRO F 424 -7.53 9.54 11.38
N VAL F 425 -7.56 8.86 12.52
CA VAL F 425 -7.90 9.46 13.79
C VAL F 425 -6.54 9.87 14.38
N TYR F 426 -5.88 9.00 15.13
CA TYR F 426 -4.50 9.28 15.59
C TYR F 426 -3.83 7.99 15.99
N THR F 427 -3.36 7.28 14.97
CA THR F 427 -2.85 5.92 15.13
C THR F 427 -1.68 5.80 16.13
N PRO F 428 -0.79 6.82 16.24
CA PRO F 428 0.27 6.66 17.23
C PRO F 428 -0.27 6.38 18.65
N MET F 429 -1.42 6.97 19.00
CA MET F 429 -1.97 6.77 20.32
C MET F 429 -2.33 5.31 20.54
N GLY F 430 -2.93 4.68 19.53
CA GLY F 430 -3.22 3.24 19.62
C GLY F 430 -1.96 2.41 19.77
N VAL F 431 -0.95 2.73 18.95
CA VAL F 431 0.31 1.99 18.99
C VAL F 431 0.89 1.97 20.41
N PHE F 432 0.91 3.14 21.07
CA PHE F 432 1.50 3.23 22.38
C PHE F 432 0.63 2.75 23.54
N ILE F 433 -0.68 2.86 23.38
CA ILE F 433 -1.55 2.33 24.43
C ILE F 433 -1.37 0.82 24.53
N THR F 434 -1.37 0.12 23.38
CA THR F 434 -1.21 -1.34 23.42
C THR F 434 0.24 -1.73 23.80
N ALA F 435 1.22 -0.91 23.39
CA ALA F 435 2.63 -1.18 23.74
C ALA F 435 2.85 -1.11 25.25
N TRP F 436 2.32 -0.07 25.89
CA TRP F 436 2.43 0.02 27.32
C TRP F 436 1.67 -1.12 28.02
N ALA F 437 0.53 -1.54 27.47
CA ALA F 437 -0.22 -2.65 28.04
C ALA F 437 0.62 -3.94 27.98
N ARG F 438 1.24 -4.19 26.83
CA ARG F 438 2.13 -5.35 26.72
C ARG F 438 3.28 -5.26 27.71
N TYR F 439 3.88 -4.07 27.80
CA TYR F 439 4.97 -3.83 28.72
C TYR F 439 4.57 -4.19 30.15
N THR F 440 3.37 -3.75 30.55
CA THR F 440 2.89 -4.02 31.89
C THR F 440 2.87 -5.52 32.19
N THR F 441 2.31 -6.29 31.25
CA THR F 441 2.16 -7.72 31.46
C THR F 441 3.48 -8.49 31.32
N ILE F 442 4.25 -8.19 30.28
CA ILE F 442 5.52 -8.85 30.05
C ILE F 442 6.49 -8.62 31.20
N THR F 443 6.56 -7.39 31.72
CA THR F 443 7.51 -7.10 32.79
C THR F 443 7.16 -7.84 34.10
N ALA F 444 5.87 -7.94 34.40
CA ALA F 444 5.44 -8.69 35.60
C ALA F 444 5.70 -10.17 35.41
N ALA F 445 5.36 -10.70 34.25
CA ALA F 445 5.66 -12.11 33.97
C ALA F 445 7.14 -12.42 34.07
N GLN F 446 7.96 -11.54 33.50
CA GLN F 446 9.40 -11.72 33.53
C GLN F 446 9.96 -11.67 34.95
N ALA F 447 9.41 -10.78 35.77
CA ALA F 447 9.78 -10.70 37.18
C ALA F 447 9.49 -12.00 37.92
N CYS F 448 8.48 -12.73 37.44
CA CYS F 448 8.04 -14.00 38.00
C CYS F 448 8.45 -15.18 37.12
N TYR F 449 9.56 -15.04 36.39
CA TYR F 449 9.93 -16.03 35.39
C TYR F 449 10.00 -17.46 35.90
N ASP F 450 10.44 -17.64 37.15
CA ASP F 450 10.59 -18.99 37.73
C ASP F 450 9.25 -19.73 37.93
N ARG F 451 8.15 -18.99 37.88
CA ARG F 451 6.80 -19.53 38.14
C ARG F 451 5.83 -19.29 37.00
N ILE F 452 6.25 -18.57 35.96
CA ILE F 452 5.31 -18.17 34.91
C ILE F 452 4.87 -19.34 34.04
N ILE F 453 3.54 -19.50 33.94
CA ILE F 453 2.93 -20.50 33.08
C ILE F 453 2.45 -19.88 31.77
N TYR F 454 1.70 -18.77 31.88
CA TYR F 454 0.85 -18.30 30.79
C TYR F 454 0.53 -16.84 30.98
N CYS F 455 0.50 -16.07 29.89
CA CYS F 455 0.01 -14.70 29.89
C CYS F 455 -1.09 -14.57 28.86
N ASP F 456 -2.10 -13.78 29.18
CA ASP F 456 -3.06 -13.36 28.17
C ASP F 456 -3.53 -11.93 28.41
N THR F 457 -2.84 -11.01 27.74
CA THR F 457 -3.24 -9.60 27.61
C THR F 457 -3.07 -8.83 28.89
N ASP F 458 -3.92 -9.12 29.88
CA ASP F 458 -3.91 -8.42 31.17
C ASP F 458 -3.75 -9.40 32.32
N SER F 459 -3.37 -10.65 32.03
CA SER F 459 -3.37 -11.66 33.08
CA SER F 459 -3.43 -11.73 33.02
C SER F 459 -2.12 -12.49 33.02
N ILE F 460 -1.62 -12.83 34.20
CA ILE F 460 -0.50 -13.77 34.31
C ILE F 460 -0.89 -14.92 35.25
N HIS F 461 -0.51 -16.12 34.85
CA HIS F 461 -0.83 -17.34 35.57
C HIS F 461 0.48 -17.93 36.05
N LEU F 462 0.56 -18.23 37.35
CA LEU F 462 1.79 -18.72 38.00
C LEU F 462 1.55 -20.07 38.66
N THR F 463 2.60 -20.88 38.74
CA THR F 463 2.59 -22.03 39.64
C THR F 463 2.66 -21.53 41.10
N GLY F 464 2.19 -22.35 42.04
CA GLY F 464 2.19 -21.97 43.46
C GLY F 464 1.07 -21.03 43.87
N THR F 465 0.90 -20.87 45.18
CA THR F 465 -0.27 -20.13 45.69
C THR F 465 0.08 -18.88 46.53
N GLU F 466 1.37 -18.58 46.71
CA GLU F 466 1.78 -17.37 47.44
C GLU F 466 2.11 -16.23 46.50
N ILE F 467 1.70 -15.02 46.88
CA ILE F 467 2.01 -13.85 46.05
C ILE F 467 3.54 -13.68 45.97
N PRO F 468 4.10 -13.61 44.75
CA PRO F 468 5.54 -13.37 44.65
C PRO F 468 5.96 -12.05 45.32
N ASP F 469 7.03 -12.10 46.09
CA ASP F 469 7.57 -10.91 46.76
CA ASP F 469 7.56 -10.92 46.76
C ASP F 469 7.79 -9.76 45.78
N VAL F 470 8.27 -10.09 44.58
CA VAL F 470 8.67 -9.07 43.60
CA VAL F 470 8.66 -9.09 43.57
C VAL F 470 7.50 -8.22 43.09
N ILE F 471 6.26 -8.75 43.17
CA ILE F 471 5.08 -7.99 42.74
C ILE F 471 4.13 -7.59 43.87
N LYS F 472 4.46 -7.91 45.11
CA LYS F 472 3.59 -7.59 46.25
C LYS F 472 3.12 -6.14 46.26
N ASP F 473 4.02 -5.23 45.93
CA ASP F 473 3.74 -3.80 46.01
C ASP F 473 2.88 -3.25 44.87
N ILE F 474 2.68 -4.07 43.82
CA ILE F 474 1.81 -3.72 42.69
C ILE F 474 0.56 -4.61 42.60
N VAL F 475 0.25 -5.30 43.71
CA VAL F 475 -0.95 -6.10 43.86
C VAL F 475 -2.01 -5.39 44.69
N ASP F 476 -3.23 -5.32 44.16
CA ASP F 476 -4.36 -4.69 44.85
C ASP F 476 -5.64 -5.17 44.21
N PRO F 477 -6.67 -5.49 45.01
CA PRO F 477 -7.90 -6.03 44.45
C PRO F 477 -8.72 -5.08 43.56
N LYS F 478 -8.49 -3.77 43.69
CA LYS F 478 -9.35 -2.75 43.04
C LYS F 478 -8.63 -1.62 42.31
N LYS F 479 -7.45 -1.22 42.79
CA LYS F 479 -6.78 -0.01 42.30
C LYS F 479 -6.43 -0.08 40.83
N LEU F 480 -6.73 0.98 40.09
CA LEU F 480 -6.50 1.05 38.66
C LEU F 480 -5.05 0.73 38.30
N GLY F 481 -4.85 -0.24 37.43
CA GLY F 481 -3.53 -0.53 36.91
C GLY F 481 -2.71 -1.47 37.77
N TYR F 482 -3.17 -1.73 39.00
CA TYR F 482 -2.55 -2.74 39.85
C TYR F 482 -3.02 -4.14 39.44
N TRP F 483 -2.31 -5.15 39.92
CA TRP F 483 -2.65 -6.56 39.66
C TRP F 483 -3.53 -7.09 40.76
N ALA F 484 -4.72 -7.55 40.40
CA ALA F 484 -5.59 -8.22 41.38
C ALA F 484 -5.23 -9.68 41.40
N HIS F 485 -5.13 -10.25 42.60
CA HIS F 485 -5.09 -11.70 42.74
C HIS F 485 -6.52 -12.18 42.48
N GLU F 486 -6.72 -12.77 41.32
CA GLU F 486 -8.05 -13.07 40.81
C GLU F 486 -8.55 -14.43 41.32
N SER F 487 -7.66 -15.41 41.32
CA SER F 487 -8.05 -16.77 41.68
C SER F 487 -6.85 -17.62 42.02
N THR F 488 -7.14 -18.75 42.63
CA THR F 488 -6.16 -19.80 42.90
C THR F 488 -6.77 -21.12 42.48
N PHE F 489 -5.97 -21.96 41.82
CA PHE F 489 -6.45 -23.26 41.37
C PHE F 489 -5.72 -24.44 42.01
N LYS F 490 -6.40 -25.57 42.08
CA LYS F 490 -5.86 -26.82 42.61
C LYS F 490 -5.06 -27.58 41.56
N ARG F 491 -5.52 -27.50 40.31
CA ARG F 491 -4.82 -28.11 39.21
C ARG F 491 -5.28 -27.45 37.93
N ALA F 492 -4.52 -27.68 36.87
CA ALA F 492 -4.77 -27.02 35.59
C ALA F 492 -4.11 -27.82 34.48
N LYS F 493 -4.52 -27.53 33.25
CA LYS F 493 -3.87 -28.06 32.06
C LYS F 493 -3.99 -27.05 30.93
N TYR F 494 -2.84 -26.65 30.40
CA TYR F 494 -2.73 -25.66 29.33
C TYR F 494 -2.22 -26.36 28.08
N LEU F 495 -3.00 -26.32 27.02
CA LEU F 495 -2.63 -27.02 25.79
C LEU F 495 -1.99 -26.08 24.78
N ARG F 496 -2.59 -24.91 24.63
CA ARG F 496 -2.17 -23.87 23.67
C ARG F 496 -2.53 -22.51 24.22
N GLN F 497 -2.08 -21.46 23.54
CA GLN F 497 -2.58 -20.11 23.79
C GLN F 497 -4.10 -20.16 23.79
N LYS F 498 -4.71 -19.49 24.76
CA LYS F 498 -6.17 -19.39 24.89
C LYS F 498 -6.89 -20.72 25.01
N THR F 499 -6.18 -21.78 25.43
CA THR F 499 -6.74 -23.13 25.48
C THR F 499 -6.25 -23.84 26.76
N TYR F 500 -7.05 -23.74 27.82
CA TYR F 500 -6.69 -24.31 29.11
C TYR F 500 -7.92 -24.60 29.96
N ILE F 501 -7.72 -25.43 30.97
CA ILE F 501 -8.74 -25.70 31.99
C ILE F 501 -8.12 -25.50 33.36
N GLN F 502 -8.96 -25.14 34.32
CA GLN F 502 -8.55 -25.06 35.73
C GLN F 502 -9.64 -25.57 36.64
N ASP F 503 -9.23 -26.20 37.75
CA ASP F 503 -10.09 -26.54 38.89
C ASP F 503 -9.83 -25.44 39.92
N ILE F 504 -10.73 -24.48 40.02
CA ILE F 504 -10.50 -23.26 40.81
C ILE F 504 -11.12 -23.39 42.21
N TYR F 505 -10.34 -23.03 43.24
CA TYR F 505 -10.82 -23.00 44.60
C TYR F 505 -11.92 -21.95 44.79
N MET F 506 -13.06 -22.39 45.31
CA MET F 506 -14.20 -21.52 45.57
C MET F 506 -14.69 -21.71 47.01
N LYS F 507 -15.36 -20.69 47.53
CA LYS F 507 -15.93 -20.77 48.86
C LYS F 507 -17.34 -20.19 48.85
N GLU F 508 -18.19 -20.76 49.68
CA GLU F 508 -19.58 -20.34 49.81
C GLU F 508 -19.62 -19.15 50.79
N VAL F 509 -20.10 -18.00 50.31
CA VAL F 509 -20.32 -16.82 51.16
C VAL F 509 -21.72 -16.26 50.93
N ASP F 510 -22.51 -16.16 52.00
CA ASP F 510 -23.90 -15.70 51.93
C ASP F 510 -24.73 -16.53 50.91
N GLY F 511 -24.51 -17.84 50.89
CA GLY F 511 -25.24 -18.74 50.00
C GLY F 511 -24.83 -18.68 48.54
N LYS F 512 -23.68 -18.06 48.27
CA LYS F 512 -23.19 -17.89 46.90
C LYS F 512 -21.72 -18.31 46.84
N LEU F 513 -21.31 -18.81 45.68
CA LEU F 513 -19.93 -19.25 45.49
C LEU F 513 -19.08 -18.09 44.99
N VAL F 514 -17.97 -17.85 45.67
CA VAL F 514 -17.00 -16.85 45.23
C VAL F 514 -15.61 -17.46 45.30
N GLU F 515 -14.63 -16.77 44.74
CA GLU F 515 -13.25 -17.27 44.70
C GLU F 515 -12.72 -17.50 46.11
N GLY F 516 -12.09 -18.65 46.30
CA GLY F 516 -11.52 -19.05 47.58
C GLY F 516 -10.04 -19.29 47.46
N SER F 517 -9.50 -19.98 48.44
CA SER F 517 -8.07 -20.24 48.54
C SER F 517 -7.86 -21.66 49.05
N PRO F 518 -6.62 -22.17 48.92
CA PRO F 518 -6.32 -23.52 49.42
C PRO F 518 -6.66 -23.73 50.90
N ASP F 519 -6.58 -22.66 51.71
CA ASP F 519 -6.86 -22.71 53.16
C ASP F 519 -8.30 -22.36 53.54
N ASP F 520 -9.08 -21.98 52.54
CA ASP F 520 -10.40 -21.43 52.75
C ASP F 520 -11.18 -21.66 51.46
N TYR F 521 -11.67 -22.90 51.32
CA TYR F 521 -12.50 -23.29 50.18
C TYR F 521 -13.57 -24.28 50.64
N THR F 522 -14.68 -24.31 49.89
CA THR F 522 -15.70 -25.30 50.10
C THR F 522 -15.90 -26.24 48.89
N ASP F 523 -15.62 -25.73 47.70
CA ASP F 523 -15.88 -26.47 46.46
C ASP F 523 -14.90 -26.05 45.35
N ILE F 524 -15.03 -26.71 44.20
CA ILE F 524 -14.19 -26.45 43.04
C ILE F 524 -15.06 -25.97 41.88
N LYS F 525 -14.63 -24.91 41.21
CA LYS F 525 -15.25 -24.46 39.96
C LYS F 525 -14.39 -24.98 38.83
N PHE F 526 -14.98 -25.83 37.98
CA PHE F 526 -14.28 -26.32 36.80
C PHE F 526 -14.45 -25.32 35.67
N SER F 527 -13.34 -24.71 35.24
CA SER F 527 -13.34 -23.64 34.25
C SER F 527 -12.65 -24.06 32.96
N VAL F 528 -13.31 -23.81 31.83
CA VAL F 528 -12.80 -24.15 30.52
C VAL F 528 -12.63 -22.91 29.64
N LYS F 529 -11.43 -22.73 29.07
CA LYS F 529 -11.13 -21.64 28.12
C LYS F 529 -10.49 -22.24 26.88
N CYS F 530 -11.11 -22.00 25.73
CA CYS F 530 -10.57 -22.48 24.46
CA CYS F 530 -10.57 -22.48 24.49
C CYS F 530 -11.16 -21.60 23.40
N ALA F 531 -10.28 -20.85 22.73
CA ALA F 531 -10.69 -19.91 21.69
C ALA F 531 -11.46 -20.63 20.60
N GLY F 532 -12.62 -20.11 20.25
CA GLY F 532 -13.44 -20.68 19.20
C GLY F 532 -14.35 -21.80 19.66
N MET F 533 -14.12 -22.31 20.88
CA MET F 533 -14.95 -23.37 21.41
C MET F 533 -16.28 -22.76 21.86
N THR F 534 -17.39 -23.32 21.39
CA THR F 534 -18.71 -22.82 21.79
C THR F 534 -19.03 -23.35 23.17
N ASP F 535 -20.07 -22.79 23.80
CA ASP F 535 -20.49 -23.24 25.13
C ASP F 535 -20.97 -24.69 25.14
N LYS F 536 -21.68 -25.10 24.09
CA LYS F 536 -22.16 -26.48 24.01
C LYS F 536 -20.98 -27.47 23.99
N ILE F 537 -19.91 -27.10 23.30
CA ILE F 537 -18.71 -27.95 23.24
C ILE F 537 -17.99 -27.93 24.60
N LYS F 538 -17.95 -26.77 25.24
CA LYS F 538 -17.39 -26.65 26.60
C LYS F 538 -18.03 -27.60 27.63
N LYS F 539 -19.34 -27.84 27.48
CA LYS F 539 -20.06 -28.82 28.31
C LYS F 539 -19.48 -30.25 28.21
N GLU F 540 -18.85 -30.56 27.08
CA GLU F 540 -18.32 -31.90 26.82
C GLU F 540 -16.95 -32.12 27.47
N VAL F 541 -16.28 -31.03 27.85
CA VAL F 541 -14.90 -31.09 28.30
C VAL F 541 -14.79 -31.56 29.77
N THR F 542 -13.80 -32.40 30.02
CA THR F 542 -13.41 -32.82 31.37
C THR F 542 -11.89 -32.82 31.45
N PHE F 543 -11.34 -32.88 32.65
CA PHE F 543 -9.89 -33.01 32.79
CA PHE F 543 -9.89 -33.04 32.81
C PHE F 543 -9.37 -34.26 32.08
N GLU F 544 -10.16 -35.31 32.06
CA GLU F 544 -9.76 -36.57 31.43
C GLU F 544 -9.67 -36.47 29.90
N ASN F 545 -10.62 -35.79 29.26
CA ASN F 545 -10.66 -35.74 27.79
C ASN F 545 -10.07 -34.48 27.15
N PHE F 546 -9.61 -33.53 27.96
CA PHE F 546 -9.07 -32.28 27.46
C PHE F 546 -7.65 -32.50 27.03
N LYS F 547 -7.47 -32.71 25.74
CA LYS F 547 -6.15 -32.89 25.16
C LYS F 547 -6.16 -32.51 23.70
N VAL F 548 -4.97 -32.30 23.14
CA VAL F 548 -4.83 -32.06 21.73
C VAL F 548 -5.45 -33.25 21.03
N GLY F 549 -6.36 -32.97 20.08
CA GLY F 549 -7.09 -33.99 19.32
C GLY F 549 -8.55 -34.09 19.73
N PHE F 550 -8.90 -33.51 20.87
CA PHE F 550 -10.31 -33.41 21.29
C PHE F 550 -11.09 -32.80 20.15
N SER F 551 -12.18 -33.46 19.74
CA SER F 551 -12.97 -33.01 18.59
C SER F 551 -14.46 -33.23 18.77
N ARG F 552 -15.26 -32.27 18.32
CA ARG F 552 -16.72 -32.39 18.32
C ARG F 552 -17.27 -31.71 17.07
N LYS F 553 -18.23 -32.35 16.41
CA LYS F 553 -18.85 -31.79 15.22
C LYS F 553 -20.06 -30.95 15.62
N MET F 554 -19.77 -29.85 16.31
CA MET F 554 -20.79 -29.07 16.99
C MET F 554 -20.61 -27.57 16.84
N LYS F 555 -19.68 -27.13 15.99
CA LYS F 555 -19.40 -25.70 15.85
C LYS F 555 -20.14 -25.14 14.64
N PRO F 556 -21.11 -24.25 14.89
CA PRO F 556 -21.80 -23.63 13.77
C PRO F 556 -20.87 -22.78 12.92
N LYS F 557 -20.92 -23.01 11.59
CA LYS F 557 -20.19 -22.22 10.61
C LYS F 557 -21.19 -21.68 9.59
N PRO F 558 -21.15 -20.36 9.32
CA PRO F 558 -22.11 -19.77 8.39
C PRO F 558 -21.76 -20.03 6.91
N VAL F 559 -22.73 -20.52 6.16
CA VAL F 559 -22.59 -20.77 4.74
C VAL F 559 -23.67 -19.96 4.02
N GLN F 560 -23.27 -19.18 3.00
CA GLN F 560 -24.25 -18.52 2.14
C GLN F 560 -24.86 -19.54 1.18
N VAL F 561 -26.18 -19.62 1.22
CA VAL F 561 -26.97 -20.45 0.34
C VAL F 561 -28.10 -19.61 -0.28
N PRO F 562 -28.83 -20.14 -1.28
CA PRO F 562 -29.97 -19.39 -1.78
C PRO F 562 -30.96 -19.06 -0.64
N GLY F 563 -31.25 -17.79 -0.47
CA GLY F 563 -32.16 -17.32 0.56
C GLY F 563 -31.53 -16.69 1.77
N GLY F 564 -30.32 -17.10 2.13
CA GLY F 564 -29.67 -16.56 3.28
C GLY F 564 -28.47 -17.34 3.74
N VAL F 565 -28.33 -17.46 5.05
CA VAL F 565 -27.20 -18.14 5.67
C VAL F 565 -27.73 -19.33 6.48
N VAL F 566 -27.11 -20.49 6.31
CA VAL F 566 -27.31 -21.63 7.20
C VAL F 566 -26.05 -21.80 8.06
N LEU F 567 -26.27 -22.02 9.35
CA LEU F 567 -25.20 -22.33 10.28
C LEU F 567 -25.07 -23.84 10.30
N VAL F 568 -24.05 -24.34 9.63
CA VAL F 568 -23.82 -25.79 9.49
C VAL F 568 -22.89 -26.22 10.60
N ASP F 569 -23.23 -27.30 11.30
CA ASP F 569 -22.37 -27.83 12.36
C ASP F 569 -21.12 -28.40 11.72
N ASP F 570 -19.99 -27.85 12.12
CA ASP F 570 -18.70 -28.16 11.57
C ASP F 570 -17.85 -28.81 12.66
N THR F 571 -16.78 -29.46 12.24
CA THR F 571 -15.85 -30.10 13.17
C THR F 571 -14.95 -29.06 13.87
N PHE F 572 -15.02 -29.03 15.19
CA PHE F 572 -14.08 -28.27 16.01
C PHE F 572 -13.07 -29.23 16.64
N THR F 573 -11.79 -28.99 16.41
CA THR F 573 -10.73 -29.84 16.96
C THR F 573 -9.68 -28.98 17.63
N ILE F 574 -9.24 -29.41 18.80
CA ILE F 574 -8.09 -28.78 19.47
C ILE F 574 -6.83 -29.25 18.76
N LYS F 575 -6.20 -28.33 18.03
CA LYS F 575 -5.03 -28.65 17.22
C LYS F 575 -3.78 -28.06 17.84
N PRO G 5 8.17 -20.62 -28.08
CA PRO G 5 7.29 -21.63 -28.68
C PRO G 5 5.88 -21.07 -28.97
N ARG G 6 5.80 -19.74 -29.08
CA ARG G 6 4.54 -19.03 -29.16
C ARG G 6 4.65 -18.01 -30.29
N LYS G 7 3.54 -17.76 -30.97
CA LYS G 7 3.48 -16.73 -32.02
C LYS G 7 3.52 -15.34 -31.39
N MET G 8 3.96 -14.36 -32.18
CA MET G 8 4.06 -12.98 -31.74
C MET G 8 3.34 -12.06 -32.70
N TYR G 9 2.53 -11.16 -32.16
CA TYR G 9 1.77 -10.22 -33.00
C TYR G 9 2.00 -8.80 -32.56
N SER G 10 2.13 -7.93 -33.56
CA SER G 10 2.15 -6.50 -33.36
C SER G 10 0.73 -5.97 -33.54
N CYS G 11 0.24 -5.24 -32.54
CA CYS G 11 -1.18 -4.81 -32.49
C CYS G 11 -1.35 -3.34 -32.28
N ALA G 12 -2.50 -2.81 -32.68
CA ALA G 12 -2.87 -1.43 -32.41
C ALA G 12 -4.37 -1.25 -32.37
N PHE G 13 -4.81 -0.24 -31.62
CA PHE G 13 -6.19 0.23 -31.67
C PHE G 13 -6.26 1.67 -32.14
N GLU G 14 -7.34 2.00 -32.84
CA GLU G 14 -7.75 3.39 -33.02
C GLU G 14 -9.01 3.59 -32.20
N THR G 15 -9.09 4.71 -31.51
CA THR G 15 -10.14 4.92 -30.50
C THR G 15 -10.82 6.29 -30.62
N THR G 16 -12.06 6.36 -30.15
CA THR G 16 -12.79 7.63 -30.13
C THR G 16 -12.26 8.54 -29.01
N THR G 17 -12.53 9.84 -29.13
CA THR G 17 -11.89 10.85 -28.29
C THR G 17 -12.89 11.66 -27.45
N LYS G 18 -14.06 11.09 -27.17
CA LYS G 18 -15.07 11.75 -26.35
C LYS G 18 -15.16 11.11 -24.97
N VAL G 19 -15.13 11.93 -23.94
CA VAL G 19 -15.15 11.40 -22.57
C VAL G 19 -16.46 10.66 -22.33
N GLU G 20 -17.53 11.09 -23.00
CA GLU G 20 -18.84 10.45 -22.87
C GLU G 20 -19.07 9.26 -23.82
N ASP G 21 -18.10 8.97 -24.69
CA ASP G 21 -18.28 7.91 -25.69
C ASP G 21 -16.90 7.45 -26.19
N CYS G 22 -16.29 6.62 -25.35
CA CYS G 22 -14.91 6.19 -25.53
C CYS G 22 -14.88 4.71 -25.91
N ARG G 23 -14.42 4.42 -27.12
CA ARG G 23 -14.42 3.05 -27.63
C ARG G 23 -13.42 2.85 -28.77
N VAL G 24 -13.07 1.60 -28.99
CA VAL G 24 -12.24 1.20 -30.12
C VAL G 24 -13.09 1.24 -31.39
N TRP G 25 -12.63 2.00 -32.40
CA TRP G 25 -13.28 2.00 -33.72
C TRP G 25 -12.50 1.20 -34.77
N ALA G 26 -11.25 0.86 -34.48
CA ALA G 26 -10.47 -0.03 -35.34
C ALA G 26 -9.42 -0.81 -34.55
N TYR G 27 -9.13 -2.02 -35.00
CA TYR G 27 -8.00 -2.78 -34.50
C TYR G 27 -7.17 -3.30 -35.66
N GLY G 28 -5.91 -3.60 -35.38
CA GLY G 28 -5.06 -4.33 -36.29
C GLY G 28 -4.15 -5.28 -35.54
N TYR G 29 -3.89 -6.44 -36.15
CA TYR G 29 -2.80 -7.31 -35.69
C TYR G 29 -2.00 -7.80 -36.90
N MET G 30 -0.71 -8.02 -36.69
CA MET G 30 0.20 -8.54 -37.71
C MET G 30 1.22 -9.45 -37.07
N ASN G 31 1.42 -10.62 -37.67
CA ASN G 31 2.42 -11.57 -37.19
C ASN G 31 3.83 -10.97 -37.38
N ILE G 32 4.59 -10.90 -36.29
CA ILE G 32 5.94 -10.30 -36.28
C ILE G 32 6.95 -11.08 -37.14
N GLU G 33 6.75 -12.40 -37.24
CA GLU G 33 7.64 -13.28 -38.01
C GLU G 33 7.14 -13.57 -39.42
N ASP G 34 5.90 -13.18 -39.70
CA ASP G 34 5.32 -13.32 -41.05
C ASP G 34 4.41 -12.13 -41.32
N HIS G 35 5.00 -11.06 -41.84
CA HIS G 35 4.29 -9.79 -42.02
C HIS G 35 3.19 -9.85 -43.08
N SER G 36 3.09 -10.98 -43.80
CA SER G 36 1.97 -11.23 -44.71
C SER G 36 0.70 -11.67 -43.99
N GLU G 37 0.84 -12.11 -42.72
CA GLU G 37 -0.31 -12.49 -41.91
C GLU G 37 -0.73 -11.31 -41.05
N TYR G 38 -1.92 -10.78 -41.33
CA TYR G 38 -2.43 -9.63 -40.61
C TYR G 38 -3.94 -9.47 -40.82
N LYS G 39 -4.56 -8.68 -39.95
CA LYS G 39 -6.00 -8.45 -40.03
C LYS G 39 -6.36 -7.12 -39.36
N ILE G 40 -7.23 -6.37 -40.02
CA ILE G 40 -7.70 -5.08 -39.53
C ILE G 40 -9.23 -5.10 -39.53
N GLY G 41 -9.84 -4.64 -38.43
CA GLY G 41 -11.29 -4.67 -38.26
C GLY G 41 -11.82 -3.53 -37.41
N ASN G 42 -13.14 -3.46 -37.25
CA ASN G 42 -13.80 -2.33 -36.57
C ASN G 42 -14.59 -2.70 -35.33
N SER G 43 -14.23 -3.82 -34.70
CA SER G 43 -14.96 -4.32 -33.55
C SER G 43 -14.02 -4.85 -32.49
N LEU G 44 -14.06 -4.26 -31.30
CA LEU G 44 -13.27 -4.75 -30.17
C LEU G 44 -13.69 -6.16 -29.77
N ASP G 45 -14.99 -6.42 -29.79
CA ASP G 45 -15.51 -7.75 -29.50
C ASP G 45 -14.85 -8.79 -30.39
N GLU G 46 -14.76 -8.48 -31.69
CA GLU G 46 -14.13 -9.38 -32.67
C GLU G 46 -12.66 -9.59 -32.36
N PHE G 47 -11.95 -8.49 -32.08
CA PHE G 47 -10.54 -8.57 -31.72
C PHE G 47 -10.34 -9.44 -30.48
N MET G 48 -11.15 -9.21 -29.44
CA MET G 48 -10.94 -9.89 -28.17
C MET G 48 -11.32 -11.37 -28.25
N ALA G 49 -12.32 -11.71 -29.07
CA ALA G 49 -12.62 -13.11 -29.37
C ALA G 49 -11.37 -13.80 -29.93
N TRP G 50 -10.66 -13.11 -30.83
CA TRP G 50 -9.39 -13.61 -31.38
C TRP G 50 -8.32 -13.73 -30.28
N VAL G 51 -8.18 -12.67 -29.48
CA VAL G 51 -7.22 -12.68 -28.36
C VAL G 51 -7.37 -13.93 -27.48
N LEU G 52 -8.60 -14.26 -27.11
CA LEU G 52 -8.86 -15.38 -26.20
C LEU G 52 -8.51 -16.73 -26.83
N LYS G 53 -8.64 -16.82 -28.17
CA LYS G 53 -8.38 -18.05 -28.92
C LYS G 53 -6.93 -18.23 -29.41
N VAL G 54 -6.23 -17.13 -29.68
CA VAL G 54 -4.93 -17.17 -30.38
C VAL G 54 -3.74 -17.76 -29.57
N GLN G 55 -3.80 -17.70 -28.24
CA GLN G 55 -2.74 -18.29 -27.39
C GLN G 55 -1.33 -17.84 -27.80
N ALA G 56 -1.13 -16.53 -27.91
CA ALA G 56 0.12 -15.99 -28.38
C ALA G 56 0.60 -14.82 -27.53
N ASP G 57 1.69 -14.19 -27.96
CA ASP G 57 2.23 -12.99 -27.34
C ASP G 57 1.89 -11.81 -28.24
N LEU G 58 1.21 -10.83 -27.68
CA LEU G 58 0.81 -9.66 -28.40
C LEU G 58 1.61 -8.47 -27.86
N TYR G 59 1.90 -7.53 -28.75
CA TYR G 59 2.58 -6.29 -28.41
C TYR G 59 1.72 -5.10 -28.87
N PHE G 60 1.50 -4.16 -27.97
CA PHE G 60 0.96 -2.84 -28.29
C PHE G 60 2.00 -1.81 -27.97
N HIS G 61 2.02 -0.72 -28.74
CA HIS G 61 2.98 0.35 -28.48
C HIS G 61 2.37 1.37 -27.52
N ASN G 62 2.98 1.47 -26.35
CA ASN G 62 2.43 2.20 -25.20
C ASN G 62 1.19 1.50 -24.66
N LEU G 63 1.43 0.30 -24.15
CA LEU G 63 0.41 -0.56 -23.57
C LEU G 63 -0.47 0.12 -22.54
N LYS G 64 0.06 1.13 -21.83
CA LYS G 64 -0.75 1.91 -20.89
C LYS G 64 -2.01 2.47 -21.54
N PHE G 65 -1.96 2.70 -22.85
CA PHE G 65 -3.09 3.25 -23.56
C PHE G 65 -4.05 2.14 -24.01
N ALA G 66 -3.61 1.29 -24.96
CA ALA G 66 -4.48 0.20 -25.46
C ALA G 66 -4.91 -0.72 -24.33
N GLY G 67 -4.02 -0.92 -23.37
CA GLY G 67 -4.29 -1.79 -22.23
C GLY G 67 -5.53 -1.41 -21.43
N ALA G 68 -5.80 -0.11 -21.33
CA ALA G 68 -6.99 0.36 -20.62
C ALA G 68 -8.26 -0.15 -21.33
N PHE G 69 -8.23 -0.17 -22.67
CA PHE G 69 -9.38 -0.63 -23.44
C PHE G 69 -9.55 -2.15 -23.30
N ILE G 70 -8.43 -2.86 -23.24
CA ILE G 70 -8.45 -4.30 -23.08
C ILE G 70 -9.04 -4.72 -21.72
N ILE G 71 -8.57 -4.09 -20.66
CA ILE G 71 -9.03 -4.39 -19.31
C ILE G 71 -10.51 -4.01 -19.11
N ASN G 72 -10.93 -2.88 -19.66
CA ASN G 72 -12.35 -2.52 -19.70
C ASN G 72 -13.18 -3.64 -20.30
N TRP G 73 -12.69 -4.22 -21.39
CA TRP G 73 -13.40 -5.34 -22.04
C TRP G 73 -13.41 -6.59 -21.17
N LEU G 74 -12.25 -6.97 -20.66
CA LEU G 74 -12.11 -8.18 -19.85
C LEU G 74 -13.09 -8.16 -18.67
N GLU G 75 -13.12 -7.01 -17.97
CA GLU G 75 -13.96 -6.85 -16.79
C GLU G 75 -15.45 -6.94 -17.09
N ARG G 76 -15.83 -6.62 -18.33
CA ARG G 76 -17.22 -6.70 -18.78
C ARG G 76 -17.61 -8.04 -19.44
N ASN G 77 -16.64 -8.93 -19.64
CA ASN G 77 -16.86 -10.17 -20.38
C ASN G 77 -16.37 -11.41 -19.61
N GLY G 78 -16.51 -11.35 -18.30
CA GLY G 78 -16.34 -12.52 -17.44
C GLY G 78 -14.96 -12.77 -16.90
N PHE G 79 -14.07 -11.78 -16.98
CA PHE G 79 -12.71 -11.92 -16.47
C PHE G 79 -12.54 -10.99 -15.27
N LYS G 80 -11.87 -11.48 -14.24
CA LYS G 80 -11.48 -10.65 -13.11
C LYS G 80 -9.97 -10.76 -12.90
N TRP G 81 -9.41 -9.80 -12.20
CA TRP G 81 -7.98 -9.80 -11.90
C TRP G 81 -7.65 -10.88 -10.89
N SER G 82 -6.58 -11.62 -11.16
CA SER G 82 -6.02 -12.57 -10.19
C SER G 82 -4.51 -12.70 -10.35
N ALA G 83 -3.82 -12.67 -9.21
CA ALA G 83 -2.37 -12.92 -9.15
C ALA G 83 -2.05 -14.40 -9.26
N ASP G 84 -3.08 -15.24 -9.23
CA ASP G 84 -2.90 -16.68 -9.06
C ASP G 84 -3.11 -17.50 -10.34
N GLY G 85 -3.42 -16.85 -11.46
CA GLY G 85 -3.58 -17.56 -12.72
C GLY G 85 -4.72 -18.57 -12.72
N LEU G 86 -5.87 -18.16 -12.19
CA LEU G 86 -7.07 -18.99 -12.23
C LEU G 86 -7.74 -18.87 -13.60
N PRO G 87 -8.48 -19.93 -14.02
CA PRO G 87 -9.24 -19.78 -15.28
C PRO G 87 -10.16 -18.56 -15.26
N ASN G 88 -10.33 -17.92 -16.42
CA ASN G 88 -11.14 -16.71 -16.58
C ASN G 88 -10.67 -15.58 -15.68
N THR G 89 -9.37 -15.46 -15.51
CA THR G 89 -8.79 -14.31 -14.86
C THR G 89 -7.64 -13.76 -15.68
N TYR G 90 -7.18 -12.58 -15.29
CA TYR G 90 -5.99 -11.99 -15.88
C TYR G 90 -5.07 -11.47 -14.78
N ASN G 91 -3.77 -11.50 -15.06
CA ASN G 91 -2.73 -10.97 -14.17
C ASN G 91 -2.11 -9.79 -14.91
N THR G 92 -1.51 -8.86 -14.15
CA THR G 92 -0.84 -7.73 -14.76
C THR G 92 0.48 -7.46 -14.05
N ILE G 93 1.38 -6.80 -14.77
CA ILE G 93 2.53 -6.11 -14.17
C ILE G 93 2.38 -4.64 -14.54
N ILE G 94 1.86 -3.88 -13.59
CA ILE G 94 1.75 -2.43 -13.69
C ILE G 94 2.40 -1.89 -12.41
N SER G 95 3.49 -1.15 -12.54
CA SER G 95 4.19 -0.69 -11.35
C SER G 95 3.39 0.37 -10.60
N ARG G 96 3.75 0.55 -9.33
CA ARG G 96 3.06 1.55 -8.51
C ARG G 96 3.29 2.94 -9.10
N MET G 97 4.41 3.12 -9.81
CA MET G 97 4.72 4.35 -10.54
C MET G 97 4.01 4.49 -11.89
N GLY G 98 3.23 3.48 -12.27
CA GLY G 98 2.37 3.57 -13.46
C GLY G 98 2.95 3.06 -14.77
N GLN G 99 4.05 2.32 -14.70
CA GLN G 99 4.65 1.68 -15.89
C GLN G 99 3.94 0.35 -16.13
N TRP G 100 3.36 0.19 -17.32
CA TRP G 100 2.70 -1.06 -17.71
C TRP G 100 3.66 -1.98 -18.48
N TYR G 101 3.77 -3.24 -18.03
CA TYR G 101 4.63 -4.22 -18.69
C TYR G 101 3.89 -5.42 -19.26
N MET G 102 2.75 -5.79 -18.70
CA MET G 102 2.15 -7.08 -19.04
C MET G 102 0.69 -7.18 -18.62
N ILE G 103 -0.12 -7.74 -19.51
CA ILE G 103 -1.46 -8.27 -19.20
C ILE G 103 -1.46 -9.74 -19.65
N ASP G 104 -1.64 -10.66 -18.71
CA ASP G 104 -1.59 -12.11 -18.97
C ASP G 104 -2.99 -12.69 -18.75
N ILE G 105 -3.66 -13.04 -19.84
CA ILE G 105 -5.05 -13.47 -19.81
C ILE G 105 -5.11 -15.00 -19.76
N CYS G 106 -5.61 -15.53 -18.65
CA CYS G 106 -5.67 -16.98 -18.42
C CYS G 106 -7.04 -17.56 -18.73
N LEU G 107 -7.11 -18.43 -19.74
CA LEU G 107 -8.34 -19.13 -20.07
C LEU G 107 -8.49 -20.38 -19.21
N GLY G 108 -7.36 -21.00 -18.86
CA GLY G 108 -7.34 -22.16 -18.00
C GLY G 108 -6.21 -23.11 -18.37
N TYR G 109 -6.40 -24.38 -18.07
CA TYR G 109 -5.36 -25.39 -18.29
C TYR G 109 -5.98 -26.60 -18.98
N LYS G 110 -5.39 -27.02 -20.10
CA LYS G 110 -5.68 -28.32 -20.71
C LYS G 110 -4.62 -29.24 -20.18
N GLY G 111 -4.98 -29.98 -19.12
CA GLY G 111 -4.04 -30.85 -18.44
C GLY G 111 -2.92 -30.04 -17.84
N LYS G 112 -1.69 -30.32 -18.26
CA LYS G 112 -0.54 -29.57 -17.81
C LYS G 112 -0.26 -28.33 -18.67
N ARG G 113 -1.00 -28.17 -19.77
CA ARG G 113 -0.76 -27.03 -20.68
C ARG G 113 -1.51 -25.77 -20.25
N LYS G 114 -0.76 -24.71 -20.03
CA LYS G 114 -1.33 -23.42 -19.68
C LYS G 114 -1.90 -22.72 -20.93
N ILE G 115 -3.19 -22.41 -20.90
CA ILE G 115 -3.87 -21.75 -22.02
C ILE G 115 -4.01 -20.26 -21.75
N HIS G 116 -3.20 -19.45 -22.42
CA HIS G 116 -3.21 -17.99 -22.14
C HIS G 116 -2.69 -17.15 -23.29
N THR G 117 -3.05 -15.87 -23.29
CA THR G 117 -2.48 -14.88 -24.21
C THR G 117 -1.87 -13.80 -23.35
N VAL G 118 -0.62 -13.44 -23.65
CA VAL G 118 0.13 -12.43 -22.92
C VAL G 118 0.31 -11.21 -23.82
N ILE G 119 0.10 -10.04 -23.24
CA ILE G 119 0.17 -8.77 -23.94
C ILE G 119 1.27 -7.94 -23.29
N TYR G 120 2.22 -7.49 -24.12
CA TYR G 120 3.39 -6.76 -23.66
C TYR G 120 3.40 -5.38 -24.31
N ASP G 121 4.33 -4.55 -23.84
CA ASP G 121 4.47 -3.17 -24.29
C ASP G 121 5.70 -3.09 -25.20
N SER G 122 5.50 -2.86 -26.50
CA SER G 122 6.64 -2.69 -27.40
C SER G 122 7.42 -1.41 -27.09
N LEU G 123 6.80 -0.46 -26.39
CA LEU G 123 7.51 0.75 -26.01
C LEU G 123 8.64 0.44 -25.02
N LYS G 124 8.51 -0.65 -24.25
CA LYS G 124 9.57 -1.04 -23.31
C LYS G 124 10.79 -1.60 -24.03
N LYS G 125 10.55 -2.19 -25.20
CA LYS G 125 11.59 -2.73 -26.07
C LYS G 125 12.23 -1.67 -26.97
N LEU G 126 11.38 -0.74 -27.44
CA LEU G 126 11.73 0.25 -28.44
C LEU G 126 11.23 1.59 -27.94
N PRO G 127 12.01 2.24 -27.06
CA PRO G 127 11.53 3.41 -26.29
C PRO G 127 11.54 4.73 -27.10
N PHE G 128 10.76 4.73 -28.18
CA PHE G 128 10.59 5.89 -29.04
C PHE G 128 9.20 5.84 -29.63
N PRO G 129 8.66 6.99 -30.09
CA PRO G 129 7.40 6.92 -30.81
C PRO G 129 7.51 6.12 -32.11
N VAL G 130 6.38 5.57 -32.56
CA VAL G 130 6.34 4.78 -33.81
C VAL G 130 6.94 5.56 -34.99
N LYS G 131 6.59 6.83 -35.10
CA LYS G 131 7.10 7.70 -36.18
C LYS G 131 8.62 7.71 -36.19
N LYS G 132 9.22 7.83 -35.01
CA LYS G 132 10.67 7.92 -34.88
C LYS G 132 11.35 6.58 -35.15
N ILE G 133 10.73 5.50 -34.71
CA ILE G 133 11.24 4.16 -35.01
C ILE G 133 11.33 3.97 -36.54
N ALA G 134 10.26 4.27 -37.26
CA ALA G 134 10.25 4.10 -38.72
C ALA G 134 11.39 4.88 -39.38
N LYS G 135 11.57 6.11 -38.94
CA LYS G 135 12.59 6.99 -39.48
C LYS G 135 14.00 6.47 -39.20
N ASP G 136 14.29 6.22 -37.93
CA ASP G 136 15.65 5.87 -37.50
C ASP G 136 16.04 4.44 -37.88
N PHE G 137 15.05 3.54 -37.85
CA PHE G 137 15.28 2.15 -38.25
C PHE G 137 15.21 1.96 -39.76
N LYS G 138 14.95 3.04 -40.50
CA LYS G 138 14.90 3.01 -41.97
C LYS G 138 14.01 1.88 -42.45
N LEU G 139 12.82 1.79 -41.88
CA LEU G 139 11.95 0.66 -42.17
C LEU G 139 11.34 0.78 -43.56
N THR G 140 10.62 -0.26 -44.00
CA THR G 140 10.08 -0.27 -45.37
C THR G 140 8.87 0.67 -45.53
N VAL G 141 8.42 1.26 -44.43
CA VAL G 141 7.19 2.03 -44.40
C VAL G 141 7.27 3.13 -43.33
N LEU G 142 6.61 4.27 -43.56
CA LEU G 142 6.59 5.39 -42.59
C LEU G 142 5.18 5.72 -42.04
N LYS G 143 5.15 6.48 -40.95
CA LYS G 143 3.92 7.03 -40.33
C LYS G 143 3.80 8.51 -40.78
N GLY G 144 2.63 9.18 -40.70
CA GLY G 144 1.29 8.65 -40.39
C GLY G 144 0.42 8.77 -41.65
N ASP G 145 -0.69 9.56 -41.64
CA ASP G 145 -1.28 10.26 -40.49
C ASP G 145 -2.83 10.17 -40.57
N ILE G 146 -3.52 10.47 -39.46
CA ILE G 146 -4.96 10.21 -39.34
C ILE G 146 -5.67 11.27 -38.47
N ASP G 147 -6.95 11.53 -38.77
CA ASP G 147 -7.76 12.48 -37.99
C ASP G 147 -8.33 11.75 -36.77
N TYR G 148 -7.80 12.05 -35.60
CA TYR G 148 -8.21 11.39 -34.35
C TYR G 148 -9.66 11.67 -33.94
N HIS G 149 -10.14 12.88 -34.23
CA HIS G 149 -11.36 13.41 -33.61
C HIS G 149 -12.58 13.41 -34.53
N LYS G 150 -12.39 12.89 -35.75
CA LYS G 150 -13.48 12.69 -36.70
C LYS G 150 -14.62 11.91 -36.07
N GLU G 151 -15.86 12.29 -36.42
CA GLU G 151 -17.04 11.61 -35.93
C GLU G 151 -17.07 10.19 -36.48
N ARG G 152 -17.07 9.22 -35.59
CA ARG G 152 -17.11 7.82 -35.98
C ARG G 152 -18.07 7.06 -35.06
N PRO G 153 -19.33 6.89 -35.50
CA PRO G 153 -20.30 6.16 -34.67
C PRO G 153 -19.99 4.66 -34.66
N VAL G 154 -20.65 3.91 -33.79
CA VAL G 154 -20.46 2.46 -33.72
C VAL G 154 -20.70 1.85 -35.11
N GLY G 155 -19.83 0.92 -35.51
CA GLY G 155 -19.93 0.29 -36.83
C GLY G 155 -19.37 1.11 -37.99
N TYR G 156 -18.71 2.21 -37.66
CA TYR G 156 -18.11 3.10 -38.65
C TYR G 156 -17.21 2.33 -39.63
N LYS G 157 -17.38 2.63 -40.90
CA LYS G 157 -16.64 1.96 -41.96
C LYS G 157 -15.23 2.55 -42.12
N ILE G 158 -14.21 1.72 -41.90
CA ILE G 158 -12.82 2.15 -42.01
C ILE G 158 -12.49 2.46 -43.47
N THR G 159 -11.92 3.64 -43.73
CA THR G 159 -11.58 4.03 -45.09
C THR G 159 -10.31 3.32 -45.56
N PRO G 160 -10.08 3.26 -46.89
CA PRO G 160 -8.82 2.71 -47.39
C PRO G 160 -7.60 3.39 -46.76
N GLU G 161 -7.69 4.73 -46.65
CA GLU G 161 -6.63 5.54 -46.05
C GLU G 161 -6.35 5.18 -44.58
N GLU G 162 -7.42 5.01 -43.80
CA GLU G 162 -7.30 4.62 -42.40
C GLU G 162 -6.71 3.21 -42.26
N TYR G 163 -7.19 2.29 -43.11
CA TYR G 163 -6.70 0.92 -43.16
C TYR G 163 -5.19 0.91 -43.45
N ALA G 164 -4.75 1.72 -44.41
CA ALA G 164 -3.34 1.83 -44.76
C ALA G 164 -2.52 2.36 -43.59
N TYR G 165 -3.06 3.36 -42.90
CA TYR G 165 -2.38 3.99 -41.76
C TYR G 165 -2.19 2.97 -40.65
N ILE G 166 -3.26 2.23 -40.35
CA ILE G 166 -3.24 1.20 -39.32
C ILE G 166 -2.27 0.07 -39.67
N LYS G 167 -2.35 -0.41 -40.90
CA LYS G 167 -1.45 -1.46 -41.36
C LYS G 167 0.02 -1.02 -41.26
N ASN G 168 0.30 0.23 -41.63
CA ASN G 168 1.66 0.75 -41.52
CA ASN G 168 1.65 0.76 -41.54
C ASN G 168 2.13 0.78 -40.08
N ASP G 169 1.29 1.29 -39.19
CA ASP G 169 1.63 1.39 -37.76
C ASP G 169 2.04 0.03 -37.20
N ILE G 170 1.21 -0.98 -37.39
CA ILE G 170 1.52 -2.33 -36.85
C ILE G 170 2.72 -2.97 -37.58
N GLN G 171 2.90 -2.65 -38.85
CA GLN G 171 4.04 -3.17 -39.62
C GLN G 171 5.37 -2.57 -39.19
N ILE G 172 5.36 -1.27 -38.84
CA ILE G 172 6.57 -0.61 -38.34
C ILE G 172 7.09 -1.33 -37.09
N ILE G 173 6.18 -1.59 -36.15
CA ILE G 173 6.54 -2.25 -34.90
C ILE G 173 6.91 -3.71 -35.17
N ALA G 174 6.17 -4.38 -36.04
CA ALA G 174 6.50 -5.75 -36.44
C ALA G 174 7.90 -5.85 -37.03
N GLU G 175 8.24 -4.93 -37.93
CA GLU G 175 9.55 -4.91 -38.54
C GLU G 175 10.67 -4.64 -37.55
N ALA G 176 10.45 -3.67 -36.67
CA ALA G 176 11.48 -3.28 -35.71
C ALA G 176 11.73 -4.38 -34.68
N LEU G 177 10.66 -4.97 -34.16
CA LEU G 177 10.78 -6.05 -33.16
C LEU G 177 11.45 -7.27 -33.77
N LEU G 178 11.09 -7.60 -35.00
CA LEU G 178 11.70 -8.76 -35.67
C LEU G 178 13.22 -8.60 -35.79
N ILE G 179 13.67 -7.44 -36.26
CA ILE G 179 15.10 -7.15 -36.33
C ILE G 179 15.76 -7.25 -34.94
N GLN G 180 15.09 -6.73 -33.94
CA GLN G 180 15.57 -6.78 -32.56
C GLN G 180 15.68 -8.22 -32.08
N PHE G 181 14.60 -8.99 -32.23
CA PHE G 181 14.61 -10.41 -31.85
C PHE G 181 15.67 -11.19 -32.62
N LYS G 182 15.90 -10.84 -33.88
CA LYS G 182 16.95 -11.50 -34.69
C LYS G 182 18.38 -11.17 -34.26
N GLN G 183 18.57 -10.05 -33.56
CA GLN G 183 19.86 -9.72 -32.94
C GLN G 183 20.06 -10.45 -31.60
N GLY G 184 19.04 -11.21 -31.16
CA GLY G 184 19.09 -11.95 -29.90
C GLY G 184 18.63 -11.12 -28.73
N LEU G 185 18.01 -9.97 -29.03
CA LEU G 185 17.58 -9.03 -28.00
C LEU G 185 16.11 -9.33 -27.73
N ASP G 186 15.87 -10.36 -26.92
CA ASP G 186 14.55 -10.98 -26.83
C ASP G 186 13.92 -10.93 -25.44
N ARG G 187 14.39 -10.04 -24.59
CA ARG G 187 13.83 -9.94 -23.24
C ARG G 187 12.76 -8.88 -23.21
N MET G 188 12.13 -8.68 -22.06
CA MET G 188 10.95 -7.85 -21.97
C MET G 188 11.20 -6.36 -22.23
N THR G 189 12.42 -5.90 -21.94
CA THR G 189 12.73 -4.48 -22.01
C THR G 189 14.14 -4.29 -22.55
N ALA G 190 14.39 -3.07 -23.04
CA ALA G 190 15.73 -2.68 -23.49
C ALA G 190 16.79 -2.80 -22.39
N GLY G 191 16.45 -2.39 -21.18
CA GLY G 191 17.38 -2.51 -20.05
C GLY G 191 17.69 -3.94 -19.72
N SER G 192 16.68 -4.80 -19.83
CA SER G 192 16.88 -6.21 -19.55
C SER G 192 17.81 -6.83 -20.58
N ASP G 193 17.65 -6.43 -21.85
CA ASP G 193 18.56 -6.86 -22.93
C ASP G 193 20.00 -6.43 -22.65
N SER G 194 20.18 -5.18 -22.24
CA SER G 194 21.52 -4.65 -21.96
C SER G 194 22.20 -5.41 -20.83
N LEU G 195 21.49 -5.56 -19.71
CA LEU G 195 22.05 -6.25 -18.54
C LEU G 195 22.38 -7.70 -18.84
N LYS G 196 21.50 -8.41 -19.54
CA LYS G 196 21.75 -9.81 -19.87
C LYS G 196 22.98 -9.91 -20.76
N GLY G 197 23.09 -9.00 -21.72
CA GLY G 197 24.24 -8.98 -22.63
C GLY G 197 25.54 -8.77 -21.89
N PHE G 198 25.53 -7.88 -20.91
CA PHE G 198 26.68 -7.61 -20.07
C PHE G 198 27.02 -8.86 -19.24
N LYS G 199 26.00 -9.47 -18.65
CA LYS G 199 26.20 -10.71 -17.85
C LYS G 199 26.72 -11.86 -18.69
N ASP G 200 26.23 -11.99 -19.92
CA ASP G 200 26.73 -13.02 -20.81
C ASP G 200 28.24 -12.91 -21.00
N ILE G 201 28.74 -11.70 -21.19
CA ILE G 201 30.16 -11.46 -21.42
C ILE G 201 31.01 -11.76 -20.17
N ILE G 202 30.70 -11.12 -19.05
CA ILE G 202 31.50 -11.33 -17.83
C ILE G 202 31.22 -12.69 -17.17
N THR G 203 30.06 -13.27 -17.50
CA THR G 203 29.51 -14.52 -16.91
C THR G 203 28.77 -14.26 -15.62
N THR G 204 27.68 -14.99 -15.43
CA THR G 204 26.85 -14.84 -14.22
C THR G 204 27.64 -15.16 -12.96
N LYS G 205 28.51 -16.15 -13.03
CA LYS G 205 29.34 -16.52 -11.88
C LYS G 205 30.19 -15.35 -11.41
N LYS G 206 30.90 -14.73 -12.34
CA LYS G 206 31.70 -13.55 -12.03
C LYS G 206 30.83 -12.35 -11.63
N PHE G 207 29.74 -12.13 -12.36
CA PHE G 207 28.82 -11.05 -12.00
C PHE G 207 28.46 -11.08 -10.52
N LYS G 208 28.12 -12.27 -10.01
CA LYS G 208 27.68 -12.41 -8.61
C LYS G 208 28.80 -12.10 -7.62
N LYS G 209 30.04 -12.40 -7.99
CA LYS G 209 31.20 -12.17 -7.13
C LYS G 209 31.59 -10.69 -7.12
N VAL G 210 31.56 -10.08 -8.30
CA VAL G 210 31.96 -8.69 -8.48
C VAL G 210 30.87 -7.71 -8.02
N PHE G 211 29.61 -8.09 -8.25
CA PHE G 211 28.46 -7.27 -7.88
C PHE G 211 27.57 -8.02 -6.88
N PRO G 212 28.05 -8.14 -5.63
CA PRO G 212 27.29 -8.87 -4.62
C PRO G 212 25.99 -8.15 -4.22
N THR G 213 25.02 -8.94 -3.76
CA THR G 213 23.74 -8.42 -3.29
C THR G 213 23.92 -7.82 -1.91
N LEU G 214 23.65 -6.53 -1.79
CA LEU G 214 23.78 -5.84 -0.51
C LEU G 214 22.50 -5.96 0.30
N SER G 215 22.64 -5.84 1.61
CA SER G 215 21.49 -5.85 2.51
C SER G 215 20.62 -4.66 2.13
N LEU G 216 19.34 -4.72 2.45
CA LEU G 216 18.44 -3.66 2.05
C LEU G 216 18.78 -2.35 2.78
N GLY G 217 19.27 -2.44 4.01
CA GLY G 217 19.68 -1.23 4.75
C GLY G 217 20.87 -0.54 4.10
N LEU G 218 21.87 -1.32 3.72
CA LEU G 218 23.06 -0.77 3.06
CA LEU G 218 23.06 -0.77 3.07
C LEU G 218 22.73 -0.22 1.68
N ASP G 219 21.88 -0.93 0.94
CA ASP G 219 21.44 -0.48 -0.36
C ASP G 219 20.74 0.87 -0.27
N LYS G 220 19.93 1.05 0.80
CA LYS G 220 19.21 2.29 1.03
C LYS G 220 20.16 3.44 1.28
N GLU G 221 21.21 3.19 2.07
CA GLU G 221 22.24 4.21 2.32
C GLU G 221 23.00 4.58 1.06
N VAL G 222 23.44 3.59 0.31
CA VAL G 222 24.06 3.83 -0.98
C VAL G 222 23.13 4.66 -1.87
N ARG G 223 21.83 4.30 -1.88
CA ARG G 223 20.85 4.98 -2.74
C ARG G 223 20.67 6.45 -2.37
N TYR G 224 20.90 6.80 -1.10
CA TYR G 224 20.87 8.22 -0.67
C TYR G 224 21.87 9.06 -1.47
N ALA G 225 22.94 8.41 -1.97
CA ALA G 225 23.99 9.07 -2.78
C ALA G 225 23.74 9.01 -4.30
N TYR G 226 22.62 8.43 -4.73
CA TYR G 226 22.29 8.31 -6.15
C TYR G 226 21.57 9.55 -6.62
N ARG G 227 22.12 10.20 -7.63
CA ARG G 227 21.50 11.33 -8.29
C ARG G 227 21.60 11.12 -9.81
N GLY G 228 20.83 11.90 -10.56
CA GLY G 228 20.80 11.76 -12.00
C GLY G 228 21.69 12.78 -12.70
N GLY G 229 21.24 13.27 -13.83
CA GLY G 229 22.01 14.23 -14.60
C GLY G 229 22.03 15.62 -14.01
N PHE G 230 23.07 16.37 -14.35
CA PHE G 230 23.20 17.75 -13.93
C PHE G 230 22.55 18.66 -14.95
N THR G 231 21.49 19.35 -14.55
CA THR G 231 20.74 20.27 -15.41
C THR G 231 20.56 21.60 -14.67
N TRP G 232 21.06 22.69 -15.24
CA TRP G 232 21.18 23.93 -14.52
C TRP G 232 21.22 25.11 -15.47
N LEU G 233 20.42 26.13 -15.18
CA LEU G 233 20.42 27.39 -15.89
C LEU G 233 21.00 28.49 -14.98
N ASN G 234 22.05 29.13 -15.46
CA ASN G 234 22.65 30.31 -14.80
C ASN G 234 21.62 31.44 -14.64
N ASP G 235 21.34 31.84 -13.40
CA ASP G 235 20.34 32.89 -13.13
C ASP G 235 20.66 34.18 -13.87
N ARG G 236 21.95 34.40 -14.13
CA ARG G 236 22.42 35.54 -14.91
C ARG G 236 21.76 35.65 -16.28
N PHE G 237 21.39 34.51 -16.85
CA PHE G 237 20.75 34.44 -18.17
C PHE G 237 19.26 34.10 -18.15
N LYS G 238 18.68 33.91 -16.97
CA LYS G 238 17.27 33.51 -16.87
C LYS G 238 16.33 34.55 -17.51
N GLU G 239 15.61 34.13 -18.55
CA GLU G 239 14.64 34.97 -19.27
C GLU G 239 15.26 36.15 -20.05
N LYS G 240 16.58 36.12 -20.21
CA LYS G 240 17.31 37.16 -20.91
C LYS G 240 17.49 36.83 -22.39
N GLU G 241 17.44 37.87 -23.22
CA GLU G 241 17.74 37.74 -24.62
C GLU G 241 19.26 37.62 -24.76
N ILE G 242 19.73 36.56 -25.40
CA ILE G 242 21.16 36.30 -25.58
C ILE G 242 21.50 36.48 -27.05
N GLY G 243 22.69 37.01 -27.32
CA GLY G 243 23.23 37.04 -28.67
C GLY G 243 23.94 35.75 -29.02
N GLU G 244 25.13 35.85 -29.61
CA GLU G 244 25.82 34.67 -30.12
C GLU G 244 26.30 33.73 -29.02
N GLY G 245 26.30 32.44 -29.32
CA GLY G 245 26.78 31.42 -28.39
C GLY G 245 27.06 30.10 -29.09
N MET G 246 27.39 29.09 -28.30
CA MET G 246 27.75 27.79 -28.85
C MET G 246 27.44 26.69 -27.87
N VAL G 247 27.28 25.48 -28.40
CA VAL G 247 26.92 24.31 -27.60
C VAL G 247 27.94 23.19 -27.80
N PHE G 248 28.39 22.60 -26.70
CA PHE G 248 29.22 21.41 -26.72
C PHE G 248 28.47 20.25 -26.09
N ASP G 249 28.66 19.05 -26.64
CA ASP G 249 28.01 17.83 -26.16
CA ASP G 249 28.01 17.85 -26.16
C ASP G 249 29.02 16.71 -26.06
N VAL G 250 29.06 16.04 -24.91
CA VAL G 250 30.00 14.92 -24.75
C VAL G 250 29.58 13.80 -25.72
N ASN G 251 30.57 13.18 -26.36
CA ASN G 251 30.34 12.00 -27.18
C ASN G 251 30.07 10.79 -26.28
N SER G 252 28.80 10.40 -26.21
CA SER G 252 28.36 9.25 -25.40
C SER G 252 28.79 9.32 -23.93
N LEU G 253 28.24 10.31 -23.22
CA LEU G 253 28.57 10.58 -21.82
C LEU G 253 28.66 9.33 -20.95
N TYR G 254 27.59 8.55 -20.89
CA TYR G 254 27.53 7.49 -19.89
C TYR G 254 28.43 6.33 -20.27
N PRO G 255 28.32 5.83 -21.51
CA PRO G 255 29.33 4.83 -21.90
C PRO G 255 30.79 5.28 -21.71
N ALA G 256 31.06 6.57 -21.90
CA ALA G 256 32.41 7.09 -21.70
C ALA G 256 32.88 6.94 -20.25
N GLN G 257 32.00 7.19 -19.29
CA GLN G 257 32.37 7.07 -17.88
C GLN G 257 32.64 5.59 -17.56
N MET G 258 31.75 4.75 -18.07
CA MET G 258 31.84 3.31 -17.86
C MET G 258 33.09 2.72 -18.45
N TYR G 259 33.55 3.30 -19.56
CA TYR G 259 34.73 2.80 -20.25
C TYR G 259 36.05 3.09 -19.54
N SER G 260 36.16 4.24 -18.89
CA SER G 260 37.47 4.68 -18.39
C SER G 260 37.57 5.14 -16.93
N ARG G 261 36.45 5.37 -16.25
CA ARG G 261 36.53 5.88 -14.88
C ARG G 261 36.77 4.76 -13.86
N LEU G 262 37.34 5.13 -12.71
CA LEU G 262 37.44 4.22 -11.57
C LEU G 262 36.05 3.99 -10.99
N LEU G 263 35.61 2.74 -10.99
CA LEU G 263 34.27 2.41 -10.53
C LEU G 263 34.28 1.33 -9.45
N PRO G 264 33.27 1.34 -8.57
CA PRO G 264 33.26 0.45 -7.43
C PRO G 264 32.82 -0.95 -7.73
N TYR G 265 33.34 -1.89 -6.96
CA TYR G 265 32.80 -3.25 -6.99
C TYR G 265 33.01 -3.91 -5.63
N GLY G 266 32.39 -5.07 -5.47
CA GLY G 266 32.53 -5.87 -4.25
C GLY G 266 31.70 -5.38 -3.09
N GLU G 267 31.87 -6.02 -1.94
CA GLU G 267 31.16 -5.64 -0.74
C GLU G 267 31.90 -4.46 -0.11
N PRO G 268 31.14 -3.42 0.30
CA PRO G 268 31.76 -2.29 0.97
C PRO G 268 32.23 -2.64 2.37
N ILE G 269 33.15 -1.83 2.90
CA ILE G 269 33.52 -1.86 4.30
C ILE G 269 32.96 -0.59 4.94
N VAL G 270 32.26 -0.76 6.07
CA VAL G 270 31.70 0.35 6.83
C VAL G 270 32.81 0.99 7.66
N PHE G 271 32.87 2.32 7.63
CA PHE G 271 33.78 3.06 8.51
C PHE G 271 33.02 4.11 9.29
N GLU G 272 33.56 4.47 10.45
CA GLU G 272 33.00 5.53 11.26
C GLU G 272 33.75 6.81 10.97
N GLY G 273 33.06 7.93 11.17
CA GLY G 273 33.68 9.24 11.04
C GLY G 273 34.07 9.58 9.61
N LYS G 274 35.19 10.27 9.48
CA LYS G 274 35.67 10.73 8.18
C LYS G 274 36.50 9.63 7.50
N TYR G 275 36.26 9.39 6.22
CA TYR G 275 37.05 8.41 5.44
C TYR G 275 38.55 8.74 5.49
N VAL G 276 39.35 7.69 5.72
CA VAL G 276 40.82 7.78 5.69
C VAL G 276 41.31 7.06 4.44
N TRP G 277 42.18 7.72 3.67
CA TRP G 277 42.71 7.17 2.41
C TRP G 277 43.16 5.72 2.55
N ASP G 278 42.59 4.87 1.71
CA ASP G 278 42.88 3.45 1.68
C ASP G 278 43.05 3.08 0.21
N GLU G 279 44.26 2.75 -0.19
CA GLU G 279 44.53 2.50 -1.61
C GLU G 279 43.82 1.24 -2.12
N ASP G 280 43.55 0.31 -1.21
CA ASP G 280 42.78 -0.90 -1.55
C ASP G 280 41.27 -0.64 -1.63
N TYR G 281 40.79 0.39 -0.95
CA TYR G 281 39.38 0.80 -1.01
C TYR G 281 39.31 2.29 -1.32
N PRO G 282 39.66 2.65 -2.57
CA PRO G 282 39.95 4.04 -2.96
C PRO G 282 38.72 4.90 -3.30
N LEU G 283 37.54 4.28 -3.38
CA LEU G 283 36.28 5.01 -3.56
C LEU G 283 35.43 4.91 -2.29
N HIS G 284 34.61 5.92 -2.04
CA HIS G 284 33.79 5.90 -0.84
C HIS G 284 32.56 6.78 -0.97
N ILE G 285 31.57 6.46 -0.15
CA ILE G 285 30.39 7.27 0.06
C ILE G 285 30.43 7.74 1.51
N GLN G 286 30.36 9.05 1.72
CA GLN G 286 30.47 9.64 3.05
C GLN G 286 29.14 10.23 3.46
N HIS G 287 28.68 9.83 4.65
CA HIS G 287 27.58 10.49 5.33
C HIS G 287 28.12 11.71 6.09
N ILE G 288 27.61 12.90 5.74
CA ILE G 288 27.99 14.14 6.38
C ILE G 288 26.77 14.98 6.73
N ARG G 289 26.87 15.75 7.81
CA ARG G 289 25.92 16.83 8.06
C ARG G 289 26.68 18.15 8.03
N CYS G 290 26.08 19.16 7.40
CA CYS G 290 26.67 20.50 7.38
C CYS G 290 25.66 21.57 6.97
N GLU G 291 26.10 22.82 7.08
CA GLU G 291 25.48 23.94 6.40
C GLU G 291 26.46 24.36 5.32
N PHE G 292 25.97 25.06 4.30
CA PHE G 292 26.84 25.43 3.20
C PHE G 292 26.37 26.67 2.49
N GLU G 293 27.33 27.35 1.87
CA GLU G 293 27.07 28.53 1.09
C GLU G 293 27.90 28.42 -0.16
N LEU G 294 27.24 28.61 -1.31
CA LEU G 294 27.93 28.62 -2.59
C LEU G 294 29.01 29.71 -2.61
N LYS G 295 30.20 29.35 -3.07
CA LYS G 295 31.30 30.30 -3.25
C LYS G 295 31.04 31.21 -4.44
N GLU G 296 31.47 32.46 -4.32
CA GLU G 296 31.36 33.40 -5.44
C GLU G 296 32.08 32.82 -6.66
N GLY G 297 31.43 32.93 -7.82
CA GLY G 297 31.99 32.45 -9.08
C GLY G 297 31.97 30.95 -9.30
N TYR G 298 31.21 30.22 -8.49
CA TYR G 298 31.07 28.76 -8.65
C TYR G 298 29.65 28.33 -8.98
N ILE G 299 29.56 27.26 -9.76
CA ILE G 299 28.29 26.63 -10.10
C ILE G 299 27.82 25.79 -8.92
N PRO G 300 26.51 25.85 -8.58
CA PRO G 300 26.01 24.99 -7.50
C PRO G 300 25.92 23.53 -7.94
N THR G 301 26.27 22.61 -7.05
CA THR G 301 26.34 21.19 -7.35
C THR G 301 25.52 20.30 -6.43
N ILE G 302 24.98 20.86 -5.34
CA ILE G 302 24.24 20.09 -4.34
C ILE G 302 22.73 20.15 -4.54
N GLN G 303 22.15 18.95 -4.65
CA GLN G 303 20.73 18.76 -4.87
C GLN G 303 20.23 17.93 -3.70
N ILE G 304 19.18 18.41 -3.02
CA ILE G 304 18.59 17.69 -1.89
C ILE G 304 17.35 16.95 -2.36
N GLU G 314 16.75 22.07 -9.13
CA GLU G 314 16.94 22.85 -7.89
C GLU G 314 18.28 22.58 -7.22
N TYR G 315 19.32 23.26 -7.67
CA TYR G 315 20.65 23.17 -7.07
C TYR G 315 20.85 24.32 -6.09
N LEU G 316 21.28 23.98 -4.89
CA LEU G 316 21.22 24.90 -3.77
C LEU G 316 22.39 25.87 -3.72
N LYS G 317 22.06 27.15 -3.58
CA LYS G 317 23.03 28.20 -3.30
C LYS G 317 23.42 28.18 -1.82
N SER G 318 22.51 27.67 -0.99
CA SER G 318 22.80 27.42 0.41
C SER G 318 21.82 26.41 0.97
N SER G 319 22.12 25.92 2.17
CA SER G 319 21.24 24.97 2.86
C SER G 319 19.98 25.63 3.45
N GLY G 320 19.85 26.95 3.28
CA GLY G 320 18.61 27.66 3.58
C GLY G 320 18.19 27.61 5.04
N GLY G 321 19.15 27.88 5.92
CA GLY G 321 18.90 27.90 7.36
C GLY G 321 18.45 26.56 7.93
N GLU G 322 19.05 25.48 7.44
CA GLU G 322 18.80 24.15 7.98
C GLU G 322 20.01 23.28 7.76
N ILE G 323 20.21 22.29 8.62
CA ILE G 323 21.32 21.34 8.46
C ILE G 323 21.04 20.40 7.28
N ALA G 324 21.96 20.38 6.32
CA ALA G 324 21.88 19.45 5.20
C ALA G 324 22.43 18.10 5.68
N ASP G 325 21.68 17.03 5.40
CA ASP G 325 22.09 15.68 5.80
C ASP G 325 22.28 14.88 4.53
N LEU G 326 23.54 14.63 4.19
CA LEU G 326 23.89 14.14 2.85
C LEU G 326 24.75 12.88 2.86
N TRP G 327 24.50 12.01 1.87
CA TRP G 327 25.40 10.91 1.57
C TRP G 327 25.96 11.20 0.18
N LEU G 328 27.28 11.28 0.08
CA LEU G 328 27.94 11.74 -1.15
C LEU G 328 29.08 10.82 -1.52
N SER G 329 29.12 10.41 -2.81
CA SER G 329 30.30 9.74 -3.36
C SER G 329 31.50 10.66 -3.20
N ASN G 330 32.71 10.11 -3.21
CA ASN G 330 33.91 10.95 -3.08
C ASN G 330 34.03 11.97 -4.21
N VAL G 331 33.55 11.60 -5.39
CA VAL G 331 33.51 12.50 -6.55
C VAL G 331 32.63 13.72 -6.24
N ASP G 332 31.42 13.47 -5.76
CA ASP G 332 30.49 14.55 -5.39
C ASP G 332 30.95 15.37 -4.20
N LEU G 333 31.54 14.70 -3.21
CA LEU G 333 32.06 15.39 -2.02
C LEU G 333 33.17 16.39 -2.36
N GLU G 334 34.12 15.96 -3.18
CA GLU G 334 35.20 16.84 -3.61
C GLU G 334 34.70 18.02 -4.46
N LEU G 335 33.70 17.78 -5.30
CA LEU G 335 33.04 18.86 -6.02
C LEU G 335 32.42 19.85 -5.05
N MET G 336 31.73 19.32 -4.05
CA MET G 336 31.08 20.18 -3.06
C MET G 336 32.10 21.04 -2.32
N LYS G 337 33.18 20.42 -1.87
CA LYS G 337 34.22 21.12 -1.14
C LYS G 337 34.85 22.22 -1.98
N GLU G 338 34.96 21.98 -3.29
CA GLU G 338 35.53 22.97 -4.22
C GLU G 338 34.56 24.13 -4.52
N HIS G 339 33.26 23.84 -4.58
CA HIS G 339 32.27 24.86 -4.99
C HIS G 339 31.62 25.62 -3.82
N TYR G 340 31.70 25.08 -2.62
CA TYR G 340 30.99 25.64 -1.46
C TYR G 340 31.90 25.91 -0.29
N ASP G 341 31.54 26.93 0.48
CA ASP G 341 32.02 27.07 1.84
C ASP G 341 31.12 26.19 2.72
N LEU G 342 31.74 25.31 3.49
CA LEU G 342 31.02 24.42 4.39
C LEU G 342 31.15 24.90 5.84
N TYR G 343 30.06 24.72 6.61
CA TYR G 343 29.99 25.13 8.02
C TYR G 343 29.58 23.96 8.89
N ASN G 344 30.16 23.89 10.09
CA ASN G 344 29.77 22.89 11.09
C ASN G 344 29.71 21.47 10.49
N VAL G 345 30.77 21.11 9.77
CA VAL G 345 30.85 19.81 9.11
C VAL G 345 31.00 18.69 10.13
N GLU G 346 30.07 17.74 10.05
CA GLU G 346 30.10 16.56 10.89
C GLU G 346 30.24 15.34 9.98
N TYR G 347 31.39 14.68 10.06
CA TYR G 347 31.62 13.45 9.31
C TYR G 347 31.11 12.29 10.14
N ILE G 348 30.00 11.69 9.72
CA ILE G 348 29.27 10.72 10.55
C ILE G 348 29.83 9.30 10.39
N SER G 349 29.72 8.78 9.17
CA SER G 349 30.19 7.43 8.84
C SER G 349 30.22 7.33 7.32
N GLY G 350 30.56 6.16 6.81
CA GLY G 350 30.46 5.92 5.39
C GLY G 350 30.72 4.49 4.99
N LEU G 351 30.81 4.30 3.68
CA LEU G 351 31.07 3.01 3.07
C LEU G 351 32.20 3.19 2.09
N LYS G 352 33.19 2.30 2.13
CA LYS G 352 34.31 2.36 1.19
C LYS G 352 34.33 1.10 0.32
N PHE G 353 34.84 1.27 -0.90
CA PHE G 353 34.71 0.28 -1.97
C PHE G 353 36.02 0.01 -2.66
N LYS G 354 36.26 -1.25 -2.97
CA LYS G 354 37.24 -1.61 -3.98
C LYS G 354 36.82 -0.98 -5.29
N ALA G 355 37.79 -0.76 -6.18
CA ALA G 355 37.47 -0.12 -7.45
C ALA G 355 38.39 -0.57 -8.57
N THR G 356 37.87 -0.48 -9.79
CA THR G 356 38.64 -0.79 -10.97
C THR G 356 38.11 -0.04 -12.17
N THR G 357 39.00 0.20 -13.13
CA THR G 357 38.59 0.59 -14.46
C THR G 357 38.40 -0.71 -15.24
N GLY G 358 37.73 -0.66 -16.38
CA GLY G 358 37.68 -1.83 -17.26
C GLY G 358 36.62 -2.90 -17.10
N LEU G 359 35.68 -2.76 -16.16
CA LEU G 359 34.60 -3.74 -16.01
C LEU G 359 33.66 -3.81 -17.21
N PHE G 360 33.54 -2.70 -17.96
CA PHE G 360 32.60 -2.61 -19.10
C PHE G 360 33.29 -2.60 -20.46
N LYS G 361 34.61 -2.79 -20.49
CA LYS G 361 35.37 -2.65 -21.73
C LYS G 361 34.86 -3.55 -22.85
N ASP G 362 34.69 -4.83 -22.55
CA ASP G 362 34.32 -5.79 -23.58
C ASP G 362 32.90 -5.57 -24.10
N PHE G 363 31.95 -5.25 -23.20
CA PHE G 363 30.59 -4.94 -23.60
C PHE G 363 30.57 -3.72 -24.51
N ILE G 364 31.26 -2.65 -24.10
CA ILE G 364 31.24 -1.41 -24.85
C ILE G 364 31.98 -1.57 -26.17
N ASP G 365 33.09 -2.30 -26.15
CA ASP G 365 33.80 -2.59 -27.40
C ASP G 365 32.90 -3.34 -28.41
N LYS G 366 32.14 -4.33 -27.93
CA LYS G 366 31.28 -5.14 -28.80
C LYS G 366 30.24 -4.31 -29.53
N TRP G 367 29.48 -3.55 -28.76
CA TRP G 367 28.37 -2.79 -29.31
C TRP G 367 28.80 -1.51 -30.01
N THR G 368 29.91 -0.93 -29.59
CA THR G 368 30.47 0.20 -30.31
C THR G 368 30.92 -0.24 -31.71
N TYR G 369 31.56 -1.40 -31.79
CA TYR G 369 31.95 -1.95 -33.09
C TYR G 369 30.74 -2.14 -34.01
N ILE G 370 29.68 -2.74 -33.47
CA ILE G 370 28.43 -2.89 -34.23
C ILE G 370 27.85 -1.54 -34.65
N LYS G 371 27.81 -0.57 -33.73
CA LYS G 371 27.31 0.78 -34.04
C LYS G 371 28.07 1.42 -35.20
N THR G 372 29.39 1.36 -35.13
CA THR G 372 30.27 2.01 -36.09
C THR G 372 30.21 1.36 -37.49
N THR G 373 29.87 0.07 -37.52
CA THR G 373 29.90 -0.71 -38.77
C THR G 373 28.51 -1.00 -39.32
N SER G 374 27.48 -0.40 -38.74
CA SER G 374 26.10 -0.65 -39.15
C SER G 374 25.39 0.66 -39.46
N GLU G 375 24.22 0.55 -40.09
CA GLU G 375 23.33 1.68 -40.29
C GLU G 375 21.89 1.30 -39.93
N GLY G 376 20.99 2.26 -39.94
CA GLY G 376 19.58 1.99 -39.72
C GLY G 376 19.27 1.19 -38.46
N ALA G 377 18.43 0.17 -38.60
CA ALA G 377 17.91 -0.57 -37.46
C ALA G 377 19.00 -1.11 -36.54
N ILE G 378 20.00 -1.80 -37.08
CA ILE G 378 21.02 -2.44 -36.25
C ILE G 378 21.88 -1.40 -35.52
N LYS G 379 22.15 -0.28 -36.17
CA LYS G 379 22.87 0.82 -35.53
C LYS G 379 22.08 1.33 -34.33
N GLN G 380 20.77 1.49 -34.51
CA GLN G 380 19.92 2.01 -33.42
C GLN G 380 19.90 1.02 -32.26
N LEU G 381 19.88 -0.26 -32.58
CA LEU G 381 19.87 -1.29 -31.54
C LEU G 381 21.19 -1.37 -30.78
N ALA G 382 22.31 -1.17 -31.47
CA ALA G 382 23.60 -1.06 -30.79
C ALA G 382 23.63 0.13 -29.82
N LYS G 383 23.11 1.28 -30.26
CA LYS G 383 23.02 2.46 -29.38
C LYS G 383 22.15 2.13 -28.17
N LEU G 384 21.04 1.43 -28.41
CA LEU G 384 20.12 1.07 -27.34
C LEU G 384 20.81 0.17 -26.30
N MET G 385 21.61 -0.77 -26.78
CA MET G 385 22.35 -1.66 -25.88
C MET G 385 23.34 -0.89 -25.03
N LEU G 386 24.06 0.03 -25.66
CA LEU G 386 25.03 0.87 -24.95
C LEU G 386 24.38 1.81 -23.93
N ASN G 387 23.21 2.33 -24.28
CA ASN G 387 22.54 3.38 -23.50
C ASN G 387 21.69 2.83 -22.37
N SER G 388 21.28 1.57 -22.46
CA SER G 388 20.29 1.01 -21.54
C SER G 388 20.88 0.20 -20.39
N LEU G 389 22.20 0.16 -20.29
CA LEU G 389 22.87 -0.65 -19.28
C LEU G 389 22.97 0.01 -17.91
N TYR G 390 23.53 1.21 -17.84
CA TYR G 390 23.91 1.74 -16.50
C TYR G 390 22.71 1.85 -15.55
N GLY G 391 21.54 2.22 -16.07
CA GLY G 391 20.40 2.46 -15.21
C GLY G 391 19.93 1.25 -14.44
N LYS G 392 20.24 0.06 -14.95
CA LYS G 392 19.80 -1.19 -14.32
C LYS G 392 20.53 -1.46 -13.00
N PHE G 393 21.71 -0.88 -12.84
CA PHE G 393 22.49 -1.15 -11.61
C PHE G 393 21.84 -0.61 -10.33
N ALA G 394 21.09 0.48 -10.47
CA ALA G 394 20.45 1.09 -9.32
C ALA G 394 18.94 0.82 -9.28
N SER G 395 18.50 -0.29 -9.90
CA SER G 395 17.12 -0.72 -9.79
C SER G 395 16.66 -0.78 -8.33
N ASN G 396 15.46 -0.29 -8.06
CA ASN G 396 14.93 -0.22 -6.69
C ASN G 396 14.33 -1.57 -6.30
N PRO G 397 14.74 -2.12 -5.14
CA PRO G 397 14.16 -3.39 -4.65
C PRO G 397 12.63 -3.45 -4.57
N ASP G 398 11.98 -2.33 -4.35
CA ASP G 398 10.52 -2.27 -4.25
C ASP G 398 9.88 -2.38 -5.63
N VAL G 399 9.21 -3.52 -5.87
CA VAL G 399 8.52 -3.78 -7.13
C VAL G 399 7.01 -3.96 -6.90
N THR G 400 6.51 -3.34 -5.83
CA THR G 400 5.07 -3.34 -5.55
C THR G 400 4.32 -2.76 -6.76
N GLY G 401 3.23 -3.42 -7.13
CA GLY G 401 2.47 -3.01 -8.31
C GLY G 401 1.16 -2.32 -7.95
N LYS G 402 0.37 -2.03 -8.97
CA LYS G 402 -0.99 -1.59 -8.75
C LYS G 402 -1.94 -2.47 -9.55
N VAL G 403 -3.13 -2.65 -8.97
CA VAL G 403 -4.10 -3.65 -9.39
C VAL G 403 -5.30 -2.95 -10.01
N PRO G 404 -5.62 -3.29 -11.27
CA PRO G 404 -6.76 -2.69 -11.96
C PRO G 404 -8.08 -3.25 -11.47
N TYR G 405 -9.09 -2.40 -11.47
CA TYR G 405 -10.46 -2.81 -11.22
C TYR G 405 -11.40 -1.81 -11.90
N LEU G 406 -12.67 -2.15 -12.02
CA LEU G 406 -13.64 -1.19 -12.57
C LEU G 406 -14.40 -0.52 -11.47
N LYS G 407 -14.38 0.80 -11.48
CA LYS G 407 -15.15 1.60 -10.56
C LYS G 407 -16.64 1.45 -10.84
N GLU G 408 -17.48 1.89 -9.92
CA GLU G 408 -18.92 1.72 -10.10
C GLU G 408 -19.42 2.40 -11.37
N ASN G 409 -18.75 3.48 -11.79
CA ASN G 409 -19.11 4.18 -13.02
C ASN G 409 -18.61 3.52 -14.30
N GLY G 410 -17.88 2.41 -14.16
CA GLY G 410 -17.39 1.66 -15.31
C GLY G 410 -16.04 2.11 -15.85
N ALA G 411 -15.41 3.08 -15.19
CA ALA G 411 -14.05 3.52 -15.55
C ALA G 411 -13.01 2.71 -14.77
N LEU G 412 -11.81 2.57 -15.35
CA LEU G 412 -10.70 1.86 -14.72
CA LEU G 412 -10.75 1.83 -14.67
C LEU G 412 -10.19 2.64 -13.51
N GLY G 413 -10.02 1.96 -12.39
CA GLY G 413 -9.32 2.46 -11.23
C GLY G 413 -8.21 1.50 -10.83
N PHE G 414 -7.37 1.93 -9.91
CA PHE G 414 -6.26 1.11 -9.43
C PHE G 414 -6.21 1.04 -7.92
N ARG G 415 -5.85 -0.14 -7.42
CA ARG G 415 -5.56 -0.35 -6.03
C ARG G 415 -4.08 -0.56 -5.86
N LEU G 416 -3.56 -0.20 -4.70
CA LEU G 416 -2.17 -0.57 -4.41
C LEU G 416 -2.11 -2.08 -4.21
N GLY G 417 -1.13 -2.71 -4.85
CA GLY G 417 -0.92 -4.12 -4.71
C GLY G 417 -0.19 -4.53 -3.43
N GLU G 418 -0.08 -5.84 -3.24
CA GLU G 418 0.68 -6.38 -2.11
C GLU G 418 2.14 -5.93 -2.20
N GLU G 419 2.71 -5.58 -1.05
CA GLU G 419 4.10 -5.21 -0.99
C GLU G 419 4.92 -6.35 -1.60
N GLU G 420 5.88 -5.99 -2.44
CA GLU G 420 6.81 -6.96 -2.99
C GLU G 420 8.17 -6.33 -3.13
N THR G 421 9.18 -7.10 -2.72
CA THR G 421 10.56 -6.66 -2.79
C THR G 421 11.36 -7.69 -3.54
N LYS G 422 12.39 -7.24 -4.24
CA LYS G 422 13.35 -8.14 -4.86
C LYS G 422 14.77 -7.67 -4.52
N ASP G 423 15.75 -8.51 -4.84
CA ASP G 423 17.14 -8.16 -4.54
C ASP G 423 17.60 -6.90 -5.28
N PRO G 424 18.43 -6.08 -4.62
CA PRO G 424 19.15 -5.04 -5.36
C PRO G 424 20.04 -5.64 -6.45
N VAL G 425 20.41 -4.84 -7.44
CA VAL G 425 21.40 -5.25 -8.44
C VAL G 425 22.76 -4.84 -7.88
N TYR G 426 23.22 -3.62 -8.16
CA TYR G 426 24.45 -3.13 -7.51
C TYR G 426 24.47 -1.62 -7.58
N THR G 427 23.74 -1.02 -6.65
CA THR G 427 23.51 0.41 -6.65
C THR G 427 24.79 1.27 -6.58
N PRO G 428 25.86 0.83 -5.89
CA PRO G 428 27.05 1.70 -5.94
C PRO G 428 27.57 2.01 -7.36
N MET G 429 27.42 1.07 -8.29
CA MET G 429 27.82 1.34 -9.68
C MET G 429 27.04 2.50 -10.26
N GLY G 430 25.73 2.49 -10.08
CA GLY G 430 24.90 3.59 -10.57
C GLY G 430 25.32 4.91 -9.95
N VAL G 431 25.54 4.91 -8.64
CA VAL G 431 25.96 6.10 -7.93
C VAL G 431 27.20 6.72 -8.56
N PHE G 432 28.20 5.89 -8.85
CA PHE G 432 29.49 6.40 -9.36
C PHE G 432 29.45 6.72 -10.85
N ILE G 433 28.68 5.97 -11.64
CA ILE G 433 28.56 6.28 -13.07
C ILE G 433 27.95 7.65 -13.26
N THR G 434 26.86 7.94 -12.53
CA THR G 434 26.24 9.26 -12.66
C THR G 434 27.09 10.34 -12.01
N ALA G 435 27.80 10.03 -10.92
CA ALA G 435 28.69 11.01 -10.29
C ALA G 435 29.80 11.45 -11.23
N TRP G 436 30.43 10.48 -11.89
CA TRP G 436 31.48 10.80 -12.85
C TRP G 436 30.93 11.56 -14.05
N ALA G 437 29.73 11.21 -14.51
CA ALA G 437 29.10 11.93 -15.61
C ALA G 437 28.85 13.39 -15.20
N ARG G 438 28.30 13.62 -14.00
CA ARG G 438 28.13 14.98 -13.50
C ARG G 438 29.48 15.71 -13.40
N TYR G 439 30.48 15.03 -12.87
CA TYR G 439 31.82 15.62 -12.74
C TYR G 439 32.35 16.14 -14.07
N THR G 440 32.18 15.31 -15.10
CA THR G 440 32.62 15.63 -16.46
C THR G 440 32.00 16.96 -16.91
N THR G 441 30.68 17.06 -16.77
CA THR G 441 29.94 18.24 -17.22
C THR G 441 30.18 19.46 -16.37
N ILE G 442 30.13 19.28 -15.06
CA ILE G 442 30.29 20.41 -14.15
C ILE G 442 31.70 21.00 -14.23
N THR G 443 32.71 20.14 -14.33
CA THR G 443 34.08 20.65 -14.38
C THR G 443 34.36 21.44 -15.66
N ALA G 444 33.82 20.98 -16.78
CA ALA G 444 33.97 21.73 -18.04
C ALA G 444 33.26 23.08 -17.97
N ALA G 445 32.01 23.05 -17.48
CA ALA G 445 31.22 24.27 -17.29
C ALA G 445 31.92 25.27 -16.38
N GLN G 446 32.44 24.77 -15.27
CA GLN G 446 33.14 25.61 -14.29
C GLN G 446 34.41 26.21 -14.88
N ALA G 447 35.12 25.42 -15.65
CA ALA G 447 36.30 25.89 -16.38
C ALA G 447 35.96 27.08 -17.29
N CYS G 448 34.70 27.11 -17.75
CA CYS G 448 34.19 28.13 -18.65
C CYS G 448 33.18 29.04 -17.95
N TYR G 449 33.31 29.23 -16.64
CA TYR G 449 32.31 29.99 -15.85
C TYR G 449 31.97 31.37 -16.41
N ASP G 450 32.98 32.08 -16.91
CA ASP G 450 32.74 33.43 -17.46
C ASP G 450 31.80 33.45 -18.66
N ARG G 451 31.60 32.29 -19.28
CA ARG G 451 30.76 32.15 -20.46
C ARG G 451 29.57 31.20 -20.30
N ILE G 452 29.49 30.50 -19.17
CA ILE G 452 28.48 29.44 -19.02
C ILE G 452 27.06 29.99 -18.92
N ILE G 453 26.16 29.44 -19.75
CA ILE G 453 24.74 29.78 -19.72
C ILE G 453 23.93 28.67 -19.06
N TYR G 454 24.19 27.44 -19.48
CA TYR G 454 23.27 26.33 -19.25
C TYR G 454 23.99 25.01 -19.40
N CYS G 455 23.64 24.05 -18.55
CA CYS G 455 24.10 22.67 -18.65
C CYS G 455 22.90 21.73 -18.64
N ASP G 456 22.96 20.67 -19.44
CA ASP G 456 21.98 19.60 -19.33
C ASP G 456 22.61 18.25 -19.60
N THR G 457 23.04 17.62 -18.52
CA THR G 457 23.50 16.24 -18.46
C THR G 457 24.83 16.04 -19.14
N ASP G 458 24.84 16.17 -20.47
CA ASP G 458 26.03 15.94 -21.28
C ASP G 458 26.39 17.14 -22.15
N SER G 459 25.75 18.29 -21.91
CA SER G 459 25.91 19.44 -22.79
C SER G 459 26.11 20.71 -21.98
N ILE G 460 26.97 21.59 -22.51
CA ILE G 460 27.19 22.91 -21.96
C ILE G 460 26.98 23.92 -23.07
N HIS G 461 26.31 25.01 -22.72
CA HIS G 461 25.98 26.12 -23.62
C HIS G 461 26.70 27.35 -23.13
N LEU G 462 27.46 27.98 -24.01
CA LEU G 462 28.29 29.15 -23.69
C LEU G 462 27.91 30.34 -24.54
N THR G 463 28.12 31.55 -24.02
CA THR G 463 28.10 32.76 -24.85
C THR G 463 29.36 32.79 -25.70
N GLY G 464 29.33 33.53 -26.82
CA GLY G 464 30.46 33.60 -27.73
C GLY G 464 30.59 32.41 -28.64
N THR G 465 31.46 32.51 -29.64
CA THR G 465 31.55 31.50 -30.70
C THR G 465 32.92 30.81 -30.85
N GLU G 466 33.93 31.23 -30.07
CA GLU G 466 35.25 30.61 -30.13
C GLU G 466 35.39 29.55 -29.06
N ILE G 467 36.03 28.43 -29.39
CA ILE G 467 36.20 27.35 -28.42
C ILE G 467 37.07 27.88 -27.29
N PRO G 468 36.62 27.75 -26.02
CA PRO G 468 37.48 28.21 -24.94
C PRO G 468 38.83 27.50 -24.93
N ASP G 469 39.90 28.25 -24.73
CA ASP G 469 41.24 27.68 -24.71
C ASP G 469 41.34 26.52 -23.73
N VAL G 470 40.71 26.67 -22.57
CA VAL G 470 40.82 25.69 -21.49
C VAL G 470 40.29 24.29 -21.85
N ILE G 471 39.33 24.20 -22.77
CA ILE G 471 38.77 22.89 -23.18
C ILE G 471 39.23 22.40 -24.56
N LYS G 472 40.11 23.14 -25.24
CA LYS G 472 40.50 22.76 -26.60
C LYS G 472 41.07 21.35 -26.69
N ASP G 473 41.78 20.92 -25.65
CA ASP G 473 42.42 19.60 -25.65
C ASP G 473 41.46 18.44 -25.35
N ILE G 474 40.23 18.74 -24.95
CA ILE G 474 39.22 17.69 -24.74
C ILE G 474 38.01 17.89 -25.65
N VAL G 475 38.22 18.64 -26.73
CA VAL G 475 37.21 18.78 -27.79
C VAL G 475 37.57 17.90 -28.99
N ASP G 476 36.60 17.11 -29.44
CA ASP G 476 36.74 16.28 -30.62
C ASP G 476 35.36 15.92 -31.15
N PRO G 477 35.16 15.95 -32.48
CA PRO G 477 33.81 15.66 -33.00
C PRO G 477 33.28 14.24 -32.78
N LYS G 478 34.17 13.27 -32.54
CA LYS G 478 33.81 11.84 -32.54
C LYS G 478 34.26 11.03 -31.32
N LYS G 479 35.42 11.35 -30.76
CA LYS G 479 36.09 10.48 -29.79
C LYS G 479 35.27 10.33 -28.53
N LEU G 480 35.19 9.09 -28.03
CA LEU G 480 34.42 8.79 -26.84
C LEU G 480 34.84 9.64 -25.65
N GLY G 481 33.87 10.33 -25.04
CA GLY G 481 34.10 11.06 -23.80
C GLY G 481 34.62 12.47 -23.99
N TYR G 482 34.98 12.81 -25.22
CA TYR G 482 35.42 14.16 -25.56
C TYR G 482 34.17 15.00 -25.85
N TRP G 483 34.34 16.31 -25.82
CA TRP G 483 33.28 17.26 -26.12
C TRP G 483 33.24 17.60 -27.61
N ALA G 484 32.11 17.35 -28.25
CA ALA G 484 31.92 17.77 -29.63
C ALA G 484 31.33 19.18 -29.63
N HIS G 485 31.89 20.05 -30.47
CA HIS G 485 31.25 21.32 -30.77
C HIS G 485 30.08 20.99 -31.67
N GLU G 486 28.90 21.11 -31.08
CA GLU G 486 27.66 20.63 -31.69
C GLU G 486 27.04 21.69 -32.58
N SER G 487 27.00 22.93 -32.11
CA SER G 487 26.37 24.01 -32.86
C SER G 487 26.82 25.38 -32.39
N THR G 488 26.53 26.39 -33.22
CA THR G 488 26.72 27.79 -32.88
C THR G 488 25.43 28.53 -33.16
N PHE G 489 25.03 29.40 -32.24
CA PHE G 489 23.79 30.17 -32.42
C PHE G 489 24.01 31.68 -32.49
N LYS G 490 23.07 32.32 -33.18
CA LYS G 490 23.06 33.75 -33.44
C LYS G 490 22.40 34.50 -32.28
N ARG G 491 21.33 33.91 -31.77
CA ARG G 491 20.68 34.40 -30.56
C ARG G 491 19.91 33.27 -29.90
N ALA G 492 19.53 33.50 -28.65
CA ALA G 492 18.86 32.48 -27.87
C ALA G 492 18.09 33.13 -26.73
N LYS G 493 17.21 32.33 -26.12
CA LYS G 493 16.52 32.72 -24.90
C LYS G 493 16.26 31.48 -24.06
N TYR G 494 16.76 31.52 -22.81
CA TYR G 494 16.56 30.44 -21.85
C TYR G 494 15.62 30.94 -20.77
N LEU G 495 14.50 30.26 -20.59
CA LEU G 495 13.52 30.63 -19.56
C LEU G 495 13.71 29.84 -18.29
N ARG G 496 13.90 28.53 -18.44
CA ARG G 496 14.00 27.59 -17.33
C ARG G 496 14.87 26.43 -17.77
N GLN G 497 15.25 25.58 -16.81
CA GLN G 497 15.83 24.29 -17.14
C GLN G 497 14.97 23.63 -18.23
N LYS G 498 15.65 23.09 -19.24
CA LYS G 498 15.02 22.38 -20.35
C LYS G 498 13.98 23.18 -21.13
N THR G 499 14.10 24.51 -21.11
CA THR G 499 13.11 25.38 -21.72
C THR G 499 13.84 26.55 -22.37
N TYR G 500 14.17 26.41 -23.65
CA TYR G 500 14.94 27.44 -24.33
C TYR G 500 14.73 27.36 -25.84
N ILE G 501 15.06 28.45 -26.51
CA ILE G 501 15.05 28.54 -27.97
C ILE G 501 16.38 29.06 -28.46
N GLN G 502 16.73 28.70 -29.70
CA GLN G 502 17.97 29.12 -30.35
C GLN G 502 17.73 29.36 -31.84
N ASP G 503 18.35 30.44 -32.36
CA ASP G 503 18.55 30.64 -33.79
C ASP G 503 19.94 30.09 -34.13
N ILE G 504 19.99 28.94 -34.79
CA ILE G 504 21.25 28.21 -35.00
C ILE G 504 21.77 28.45 -36.41
N TYR G 505 23.05 28.81 -36.52
CA TYR G 505 23.68 29.02 -37.84
C TYR G 505 23.74 27.71 -38.61
N MET G 506 23.24 27.73 -39.84
CA MET G 506 23.26 26.56 -40.70
C MET G 506 23.87 26.91 -42.06
N LYS G 507 24.55 25.93 -42.67
CA LYS G 507 25.09 26.12 -44.03
C LYS G 507 24.57 25.03 -44.96
N GLU G 508 24.27 25.41 -46.19
CA GLU G 508 23.77 24.47 -47.18
C GLU G 508 24.92 23.67 -47.77
N VAL G 509 24.79 22.35 -47.74
CA VAL G 509 25.71 21.44 -48.41
C VAL G 509 24.92 20.36 -49.15
N ASP G 510 25.09 20.30 -50.47
CA ASP G 510 24.43 19.30 -51.33
C ASP G 510 22.90 19.31 -51.22
N GLY G 511 22.33 20.51 -51.25
CA GLY G 511 20.88 20.70 -51.19
C GLY G 511 20.27 20.55 -49.81
N LYS G 512 21.09 20.31 -48.79
CA LYS G 512 20.62 20.08 -47.44
C LYS G 512 21.34 21.01 -46.47
N LEU G 513 20.79 21.14 -45.26
CA LEU G 513 21.38 22.02 -44.24
C LEU G 513 22.11 21.23 -43.14
N VAL G 514 23.32 21.70 -42.81
CA VAL G 514 24.09 21.18 -41.69
C VAL G 514 24.53 22.37 -40.85
N GLU G 515 25.06 22.11 -39.66
CA GLU G 515 25.47 23.18 -38.75
C GLU G 515 26.57 24.00 -39.36
N GLY G 516 26.46 25.32 -39.24
CA GLY G 516 27.48 26.24 -39.71
C GLY G 516 28.05 27.08 -38.59
N SER G 517 28.68 28.18 -38.99
CA SER G 517 29.33 29.12 -38.06
C SER G 517 29.06 30.56 -38.50
N PRO G 518 29.35 31.55 -37.64
CA PRO G 518 29.07 32.94 -37.99
C PRO G 518 29.75 33.40 -39.30
N ASP G 519 30.94 32.85 -39.57
CA ASP G 519 31.74 33.20 -40.75
C ASP G 519 31.60 32.17 -41.89
N ASP G 520 30.60 31.30 -41.79
CA ASP G 520 30.33 30.29 -42.81
C ASP G 520 28.93 29.72 -42.59
N TYR G 521 27.93 30.46 -43.04
CA TYR G 521 26.53 30.00 -42.96
C TYR G 521 25.64 30.70 -43.97
N THR G 522 24.53 30.02 -44.30
CA THR G 522 23.60 30.47 -45.32
C THR G 522 22.17 30.63 -44.81
N ASP G 523 21.81 29.95 -43.72
CA ASP G 523 20.45 29.94 -43.22
C ASP G 523 20.43 29.86 -41.69
N ILE G 524 19.27 30.15 -41.10
CA ILE G 524 19.06 30.04 -39.64
C ILE G 524 18.02 28.96 -39.36
N LYS G 525 18.35 28.06 -38.43
CA LYS G 525 17.42 27.04 -37.93
C LYS G 525 16.87 27.48 -36.59
N PHE G 526 15.55 27.60 -36.50
CA PHE G 526 14.91 27.97 -35.25
C PHE G 526 14.53 26.70 -34.54
N SER G 527 15.16 26.49 -33.39
CA SER G 527 15.04 25.27 -32.60
CA SER G 527 14.97 25.27 -32.62
C SER G 527 14.38 25.58 -31.26
N VAL G 528 13.39 24.79 -30.89
CA VAL G 528 12.68 24.95 -29.62
C VAL G 528 12.86 23.72 -28.76
N LYS G 529 13.31 23.93 -27.52
CA LYS G 529 13.46 22.84 -26.55
C LYS G 529 12.67 23.22 -25.32
N CYS G 530 11.63 22.46 -25.05
CA CYS G 530 10.79 22.70 -23.88
CA CYS G 530 10.82 22.69 -23.88
C CYS G 530 10.21 21.38 -23.44
N ALA G 531 10.65 20.91 -22.27
CA ALA G 531 10.17 19.66 -21.74
C ALA G 531 8.65 19.67 -21.69
N GLY G 532 8.04 18.62 -22.21
CA GLY G 532 6.58 18.48 -22.19
C GLY G 532 5.87 19.03 -23.41
N MET G 533 6.57 19.84 -24.20
CA MET G 533 5.98 20.46 -25.37
C MET G 533 5.88 19.47 -26.50
N THR G 534 4.72 19.46 -27.17
CA THR G 534 4.48 18.55 -28.29
C THR G 534 4.81 19.26 -29.59
N ASP G 535 4.84 18.51 -30.68
CA ASP G 535 5.10 19.11 -32.00
C ASP G 535 4.03 20.14 -32.38
N LYS G 536 2.79 19.89 -32.01
CA LYS G 536 1.70 20.79 -32.33
C LYS G 536 1.86 22.12 -31.59
N ILE G 537 2.27 22.06 -30.32
CA ILE G 537 2.51 23.29 -29.55
C ILE G 537 3.77 24.01 -30.04
N LYS G 538 4.81 23.25 -30.37
CA LYS G 538 6.11 23.83 -30.77
C LYS G 538 5.98 24.69 -32.02
N LYS G 539 5.05 24.33 -32.90
CA LYS G 539 4.74 25.11 -34.12
C LYS G 539 4.34 26.54 -33.80
N GLU G 540 3.74 26.72 -32.62
CA GLU G 540 3.15 27.99 -32.22
C GLU G 540 4.16 28.95 -31.65
N VAL G 541 5.36 28.45 -31.34
CA VAL G 541 6.37 29.23 -30.65
C VAL G 541 7.16 30.10 -31.64
N THR G 542 7.43 31.35 -31.22
CA THR G 542 8.31 32.26 -31.91
C THR G 542 9.25 32.90 -30.90
N PHE G 543 10.32 33.54 -31.38
CA PHE G 543 11.18 34.33 -30.48
C PHE G 543 10.39 35.37 -29.72
N GLU G 544 9.39 35.94 -30.39
CA GLU G 544 8.59 37.02 -29.88
C GLU G 544 7.65 36.58 -28.75
N ASN G 545 7.05 35.39 -28.86
CA ASN G 545 6.06 34.96 -27.85
C ASN G 545 6.61 33.99 -26.81
N PHE G 546 7.88 33.59 -26.98
CA PHE G 546 8.50 32.64 -26.06
C PHE G 546 8.89 33.34 -24.77
N LYS G 547 8.02 33.22 -23.78
CA LYS G 547 8.23 33.86 -22.49
C LYS G 547 7.49 33.08 -21.42
N VAL G 548 7.86 33.29 -20.15
CA VAL G 548 7.11 32.70 -19.06
C VAL G 548 5.66 33.17 -19.19
N GLY G 549 4.73 32.23 -19.09
CA GLY G 549 3.29 32.52 -19.26
C GLY G 549 2.73 32.08 -20.60
N PHE G 550 3.60 31.82 -21.58
CA PHE G 550 3.18 31.22 -22.85
C PHE G 550 2.29 30.04 -22.52
N SER G 551 1.13 29.97 -23.15
CA SER G 551 0.15 28.93 -22.87
C SER G 551 -0.68 28.54 -24.09
N ARG G 552 -0.90 27.23 -24.25
CA ARG G 552 -1.76 26.70 -25.32
C ARG G 552 -2.52 25.48 -24.80
N LYS G 553 -3.81 25.39 -25.13
CA LYS G 553 -4.63 24.29 -24.62
C LYS G 553 -4.62 23.16 -25.61
N MET G 554 -3.46 22.51 -25.72
CA MET G 554 -3.19 21.57 -26.80
C MET G 554 -2.42 20.34 -26.32
N LYS G 555 -2.19 20.21 -25.01
CA LYS G 555 -1.37 19.09 -24.50
C LYS G 555 -2.29 17.93 -24.16
N PRO G 556 -2.14 16.78 -24.86
CA PRO G 556 -3.02 15.65 -24.51
C PRO G 556 -2.72 15.11 -23.12
N LYS G 557 -3.79 14.92 -22.34
CA LYS G 557 -3.69 14.35 -21.00
C LYS G 557 -4.68 13.21 -20.88
N PRO G 558 -4.22 12.05 -20.38
CA PRO G 558 -5.10 10.89 -20.32
C PRO G 558 -6.11 10.93 -19.16
N VAL G 559 -7.35 10.58 -19.47
CA VAL G 559 -8.39 10.48 -18.46
C VAL G 559 -9.08 9.13 -18.60
N GLN G 560 -9.19 8.40 -17.50
CA GLN G 560 -9.95 7.15 -17.50
C GLN G 560 -11.43 7.45 -17.46
N VAL G 561 -12.13 6.90 -18.44
CA VAL G 561 -13.56 7.05 -18.58
C VAL G 561 -14.14 5.64 -18.83
N PRO G 562 -15.46 5.50 -18.75
CA PRO G 562 -16.00 4.19 -19.08
C PRO G 562 -15.59 3.73 -20.49
N GLY G 563 -14.97 2.56 -20.56
CA GLY G 563 -14.53 2.00 -21.84
C GLY G 563 -13.03 2.04 -22.10
N GLY G 564 -12.36 3.07 -21.57
CA GLY G 564 -10.93 3.21 -21.81
C GLY G 564 -10.40 4.55 -21.40
N VAL G 565 -9.42 5.04 -22.15
CA VAL G 565 -8.74 6.30 -21.89
CA VAL G 565 -8.78 6.33 -21.87
C VAL G 565 -9.03 7.29 -23.02
N VAL G 566 -9.35 8.53 -22.68
CA VAL G 566 -9.47 9.61 -23.65
C VAL G 566 -8.33 10.58 -23.36
N LEU G 567 -7.66 11.01 -24.42
CA LEU G 567 -6.61 12.04 -24.34
C LEU G 567 -7.29 13.40 -24.53
N VAL G 568 -7.47 14.12 -23.42
CA VAL G 568 -8.13 15.43 -23.47
C VAL G 568 -7.08 16.51 -23.67
N ASP G 569 -7.37 17.49 -24.52
CA ASP G 569 -6.43 18.59 -24.72
C ASP G 569 -6.49 19.49 -23.48
N ASP G 570 -5.35 19.59 -22.81
CA ASP G 570 -5.23 20.34 -21.56
C ASP G 570 -4.26 21.50 -21.75
N THR G 571 -4.33 22.44 -20.81
CA THR G 571 -3.47 23.61 -20.78
C THR G 571 -2.01 23.23 -20.63
N PHE G 572 -1.19 23.75 -21.53
CA PHE G 572 0.25 23.67 -21.41
C PHE G 572 0.77 25.08 -21.21
N THR G 573 1.46 25.33 -20.09
CA THR G 573 1.91 26.68 -19.77
C THR G 573 3.35 26.68 -19.25
N ILE G 574 4.17 27.58 -19.77
CA ILE G 574 5.52 27.78 -19.25
C ILE G 574 5.45 28.58 -17.96
N LYS G 575 5.77 27.92 -16.84
CA LYS G 575 5.66 28.51 -15.50
C LYS G 575 7.01 28.87 -14.95
#